data_4FBA
#
_entry.id   4FBA
#
_cell.length_a   130.968
_cell.length_b   142.412
_cell.length_c   84.751
_cell.angle_alpha   90.00
_cell.angle_beta   127.52
_cell.angle_gamma   90.00
#
_symmetry.space_group_name_H-M   'C 1 2 1'
#
loop_
_entity.id
_entity.type
_entity.pdbx_description
1 polymer 'Protein synthesis inhibitor I'
2 non-polymer ADENINE
3 water water
#
_entity_poly.entity_id   1
_entity_poly.type   'polypeptide(L)'
_entity_poly.pdbx_seq_one_letter_code
;GSAAKMAKNVDKPLFTATFNVQASSADYATFIAGIRNKLRNPAHFSHNRPVLPPVEPNVPPSRWFHVVLKASPTSAGLTL
AIRADNIYLEGFKSSDGTWWELTPGLIPGATYVGFGGTYRDLLGDTDKLTNVALGRQQLADAVTALHGRTKADKPSGPKQ
QQAREAVTTLLLMVNEATRFQTVSGFVAGLLHPKAVAAASGKIGNEMKAQVNGWQDLSAALLKTDVKPPPGKSPAKFAPI
EKMGVRTAVQAANTLGILLFVEVPGGLTVAKALELFHASGGK
;
_entity_poly.pdbx_strand_id   A,B,C,D
#
loop_
_chem_comp.id
_chem_comp.type
_chem_comp.name
_chem_comp.formula
ADE non-polymer ADENINE 'C5 H5 N5'
#
# COMPACT_ATOMS: atom_id res chain seq x y z
N LYS A 5 -27.17 -35.16 17.48
CA LYS A 5 -27.80 -34.31 18.50
C LYS A 5 -27.64 -32.83 18.14
N MET A 6 -28.17 -31.96 19.00
CA MET A 6 -28.12 -30.52 18.77
C MET A 6 -26.75 -29.92 19.09
N ALA A 7 -26.45 -28.79 18.45
CA ALA A 7 -25.23 -28.04 18.75
C ALA A 7 -25.27 -27.54 20.18
N LYS A 8 -24.11 -27.32 20.77
CA LYS A 8 -24.00 -26.80 22.13
C LYS A 8 -23.26 -25.47 22.10
N ASN A 9 -23.57 -24.60 23.07
CA ASN A 9 -22.85 -23.34 23.25
C ASN A 9 -22.98 -22.34 22.11
N VAL A 10 -24.02 -22.49 21.29
CA VAL A 10 -24.32 -21.52 20.24
C VAL A 10 -24.54 -20.15 20.88
N ASP A 11 -25.09 -20.16 22.10
CA ASP A 11 -25.35 -18.94 22.85
C ASP A 11 -24.17 -18.52 23.73
N LYS A 12 -23.08 -19.29 23.68
CA LYS A 12 -21.90 -19.00 24.50
C LYS A 12 -20.64 -18.87 23.64
N PRO A 13 -20.59 -17.81 22.82
CA PRO A 13 -19.51 -17.63 21.84
C PRO A 13 -18.15 -17.51 22.51
N LEU A 14 -17.14 -18.11 21.90
CA LEU A 14 -15.76 -18.01 22.41
C LEU A 14 -15.23 -16.58 22.27
N PHE A 15 -15.76 -15.86 21.29
CA PHE A 15 -15.48 -14.44 21.12
C PHE A 15 -16.53 -13.85 20.20
N THR A 16 -16.59 -12.52 20.17
CA THR A 16 -17.46 -11.80 19.25
C THR A 16 -16.64 -10.79 18.45
N ALA A 17 -16.77 -10.84 17.14
CA ALA A 17 -16.13 -9.82 16.28
C ALA A 17 -17.20 -8.88 15.72
N THR A 18 -16.91 -7.57 15.76
CA THR A 18 -17.90 -6.59 15.33
C THR A 18 -17.37 -5.72 14.21
N PHE A 19 -18.20 -5.50 13.19
CA PHE A 19 -17.85 -4.58 12.11
C PHE A 19 -19.01 -3.63 11.84
N ASN A 20 -18.69 -2.35 11.72
CA ASN A 20 -19.65 -1.33 11.30
C ASN A 20 -19.60 -1.23 9.78
N VAL A 21 -20.71 -1.52 9.11
CA VAL A 21 -20.73 -1.64 7.64
C VAL A 21 -20.29 -0.36 6.92
N GLN A 22 -20.31 0.76 7.63
CA GLN A 22 -19.90 2.02 7.02
C GLN A 22 -18.43 2.37 7.31
N ALA A 23 -17.72 1.49 8.01
CA ALA A 23 -16.34 1.75 8.42
C ALA A 23 -15.34 1.62 7.27
N SER A 24 -14.10 2.00 7.52
CA SER A 24 -13.10 2.06 6.46
C SER A 24 -12.60 0.70 6.03
N SER A 25 -12.00 0.67 4.84
CA SER A 25 -11.29 -0.51 4.32
C SER A 25 -10.29 -1.08 5.33
N ALA A 26 -9.53 -0.19 5.97
CA ALA A 26 -8.54 -0.63 6.94
C ALA A 26 -9.23 -1.27 8.15
N ASP A 27 -10.35 -0.72 8.58
CA ASP A 27 -11.10 -1.29 9.69
C ASP A 27 -11.71 -2.63 9.32
N TYR A 28 -12.03 -2.82 8.05
CA TYR A 28 -12.53 -4.11 7.60
C TYR A 28 -11.40 -5.14 7.64
N ALA A 29 -10.22 -4.73 7.19
CA ALA A 29 -9.07 -5.64 7.24
C ALA A 29 -8.72 -6.02 8.67
N THR A 30 -8.81 -5.06 9.58
CA THR A 30 -8.54 -5.31 11.00
C THR A 30 -9.56 -6.30 11.57
N PHE A 31 -10.82 -6.11 11.19
CA PHE A 31 -11.92 -6.98 11.59
C PHE A 31 -11.70 -8.42 11.14
N ILE A 32 -11.40 -8.60 9.86
CA ILE A 32 -11.12 -9.95 9.35
C ILE A 32 -9.87 -10.57 10.00
N ALA A 33 -8.81 -9.78 10.15
CA ALA A 33 -7.57 -10.28 10.77
C ALA A 33 -7.80 -10.75 12.20
N GLY A 34 -8.65 -10.03 12.93
CA GLY A 34 -8.95 -10.35 14.31
C GLY A 34 -9.75 -11.62 14.46
N ILE A 35 -10.60 -11.92 13.47
CA ILE A 35 -11.32 -13.19 13.51
C ILE A 35 -10.32 -14.34 13.36
N ARG A 36 -9.47 -14.25 12.34
CA ARG A 36 -8.45 -15.27 12.11
C ARG A 36 -7.58 -15.47 13.32
N ASN A 37 -7.19 -14.36 13.93
CA ASN A 37 -6.34 -14.37 15.09
C ASN A 37 -7.01 -15.11 16.25
N LYS A 38 -8.31 -14.89 16.45
CA LYS A 38 -8.96 -15.54 17.59
C LYS A 38 -9.35 -16.98 17.34
N LEU A 39 -9.43 -17.36 16.07
CA LEU A 39 -9.81 -18.72 15.69
C LEU A 39 -8.62 -19.67 15.72
N ARG A 40 -7.41 -19.11 15.74
CA ARG A 40 -6.24 -19.93 15.41
C ARG A 40 -5.88 -20.90 16.51
N ASN A 41 -5.23 -21.98 16.11
CA ASN A 41 -4.55 -22.86 17.06
C ASN A 41 -3.17 -22.25 17.30
N PRO A 42 -2.91 -21.73 18.51
CA PRO A 42 -1.62 -21.07 18.71
C PRO A 42 -0.44 -22.02 18.50
N ALA A 43 -0.69 -23.32 18.61
CA ALA A 43 0.37 -24.32 18.49
C ALA A 43 0.56 -24.83 17.07
N HIS A 44 -0.21 -24.30 16.13
CA HIS A 44 -0.16 -24.84 14.77
C HIS A 44 -0.28 -23.76 13.70
N PHE A 45 0.85 -23.39 13.10
CA PHE A 45 0.86 -22.49 11.95
C PHE A 45 1.50 -23.25 10.81
N SER A 46 1.21 -22.81 9.58
CA SER A 46 1.87 -23.39 8.41
C SER A 46 2.29 -22.20 7.56
N HIS A 47 3.60 -22.07 7.34
CA HIS A 47 4.16 -20.94 6.59
C HIS A 47 3.68 -19.60 7.13
N ASN A 48 3.59 -19.52 8.46
CA ASN A 48 3.15 -18.31 9.18
C ASN A 48 1.69 -17.94 8.90
N ARG A 49 0.89 -18.93 8.49
CA ARG A 49 -0.55 -18.72 8.40
C ARG A 49 -1.18 -19.57 9.50
N PRO A 50 -2.23 -19.04 10.14
CA PRO A 50 -2.86 -19.77 11.23
C PRO A 50 -3.61 -20.99 10.71
N VAL A 51 -3.67 -22.05 11.52
CA VAL A 51 -4.47 -23.22 11.22
C VAL A 51 -5.55 -23.33 12.31
N LEU A 52 -6.79 -23.61 11.93
CA LEU A 52 -7.84 -23.83 12.90
C LEU A 52 -7.49 -25.06 13.72
N PRO A 53 -8.03 -25.15 14.95
CA PRO A 53 -7.91 -26.43 15.66
C PRO A 53 -8.76 -27.48 14.92
N PRO A 54 -8.49 -28.77 15.15
CA PRO A 54 -9.37 -29.79 14.56
C PRO A 54 -10.79 -29.71 15.09
N VAL A 55 -11.72 -30.31 14.35
CA VAL A 55 -13.09 -30.48 14.82
C VAL A 55 -13.04 -31.52 15.95
N GLU A 56 -13.71 -31.23 17.06
CA GLU A 56 -13.73 -32.16 18.20
C GLU A 56 -14.48 -33.42 17.81
N PRO A 57 -13.80 -34.58 17.88
CA PRO A 57 -14.43 -35.85 17.51
C PRO A 57 -15.41 -36.36 18.56
N ASN A 58 -16.50 -36.98 18.10
CA ASN A 58 -17.43 -37.69 18.98
C ASN A 58 -18.25 -36.81 19.92
N VAL A 59 -18.46 -35.55 19.53
CA VAL A 59 -19.43 -34.67 20.19
C VAL A 59 -20.12 -33.82 19.12
N PRO A 60 -21.30 -33.25 19.43
CA PRO A 60 -21.91 -32.29 18.52
C PRO A 60 -21.06 -31.02 18.46
N PRO A 61 -21.27 -30.17 17.43
CA PRO A 61 -20.51 -28.91 17.34
C PRO A 61 -20.73 -28.03 18.57
N SER A 62 -19.67 -27.82 19.33
CA SER A 62 -19.78 -27.15 20.62
C SER A 62 -18.87 -25.92 20.76
N ARG A 63 -18.21 -25.53 19.68
CA ARG A 63 -17.37 -24.34 19.67
C ARG A 63 -17.89 -23.33 18.64
N TRP A 64 -18.35 -22.18 19.13
CA TRP A 64 -18.98 -21.16 18.30
C TRP A 64 -18.39 -19.79 18.57
N PHE A 65 -18.46 -18.91 17.57
CA PHE A 65 -18.18 -17.50 17.80
C PHE A 65 -19.27 -16.65 17.18
N HIS A 66 -19.34 -15.38 17.58
CA HIS A 66 -20.32 -14.47 17.00
C HIS A 66 -19.67 -13.38 16.16
N VAL A 67 -20.31 -13.07 15.04
CA VAL A 67 -19.98 -11.87 14.29
C VAL A 67 -21.16 -10.93 14.39
N VAL A 68 -20.91 -9.70 14.83
CA VAL A 68 -21.96 -8.67 14.83
C VAL A 68 -21.74 -7.64 13.72
N LEU A 69 -22.70 -7.50 12.81
CA LEU A 69 -22.63 -6.51 11.74
C LEU A 69 -23.56 -5.33 12.01
N LYS A 70 -23.00 -4.13 12.15
CA LYS A 70 -23.79 -2.94 12.49
C LYS A 70 -23.96 -1.99 11.32
N ALA A 71 -25.16 -1.43 11.17
CA ALA A 71 -25.45 -0.43 10.14
C ALA A 71 -24.84 0.92 10.54
N SER A 72 -24.66 1.11 11.83
CA SER A 72 -24.03 2.32 12.37
C SER A 72 -23.39 1.99 13.70
N PRO A 73 -22.44 2.84 14.17
CA PRO A 73 -21.78 2.64 15.47
C PRO A 73 -22.75 2.51 16.65
N THR A 74 -23.97 3.02 16.51
CA THR A 74 -24.95 2.98 17.60
C THR A 74 -26.12 2.04 17.31
N SER A 75 -26.22 1.59 16.06
CA SER A 75 -27.19 0.58 15.67
C SER A 75 -26.98 -0.71 16.44
N ALA A 76 -28.05 -1.42 16.75
CA ALA A 76 -27.93 -2.80 17.21
C ALA A 76 -27.57 -3.62 15.98
N GLY A 77 -26.72 -4.61 16.14
CA GLY A 77 -26.23 -5.33 14.99
C GLY A 77 -26.98 -6.61 14.68
N LEU A 78 -26.74 -7.13 13.47
CA LEU A 78 -27.15 -8.47 13.13
C LEU A 78 -26.10 -9.44 13.67
N THR A 79 -26.53 -10.42 14.45
CA THR A 79 -25.60 -11.39 15.04
C THR A 79 -25.57 -12.66 14.21
N LEU A 80 -24.36 -13.09 13.84
CA LEU A 80 -24.18 -14.35 13.13
C LEU A 80 -23.59 -15.39 14.04
N ALA A 81 -24.16 -16.60 14.03
CA ALA A 81 -23.57 -17.72 14.76
C ALA A 81 -22.76 -18.60 13.81
N ILE A 82 -21.45 -18.66 14.04
CA ILE A 82 -20.54 -19.35 13.14
C ILE A 82 -19.71 -20.36 13.91
N ARG A 83 -19.51 -21.54 13.34
CA ARG A 83 -18.71 -22.56 14.00
C ARG A 83 -17.24 -22.12 14.10
N ALA A 84 -16.61 -22.36 15.24
CA ALA A 84 -15.22 -21.95 15.44
C ALA A 84 -14.22 -23.03 15.01
N ASP A 85 -14.72 -24.13 14.45
CA ASP A 85 -13.84 -25.20 13.98
C ASP A 85 -13.71 -25.23 12.46
N ASN A 86 -14.76 -24.83 11.75
CA ASN A 86 -14.69 -24.80 10.29
C ASN A 86 -15.28 -23.52 9.68
N ILE A 87 -15.61 -22.55 10.52
CA ILE A 87 -16.10 -21.24 10.12
C ILE A 87 -17.41 -21.33 9.32
N TYR A 88 -18.26 -22.28 9.68
N TYR A 88 -18.25 -22.27 9.68
CA TYR A 88 -19.53 -22.46 8.99
CA TYR A 88 -19.53 -22.43 9.01
C TYR A 88 -20.65 -21.67 9.65
C TYR A 88 -20.64 -21.63 9.67
N LEU A 89 -21.30 -20.80 8.86
CA LEU A 89 -22.44 -20.04 9.34
C LEU A 89 -23.62 -20.98 9.46
N GLU A 90 -24.25 -21.04 10.63
CA GLU A 90 -25.44 -21.87 10.81
C GLU A 90 -26.64 -21.09 11.33
N GLY A 91 -26.40 -19.93 11.93
CA GLY A 91 -27.49 -19.14 12.50
C GLY A 91 -27.34 -17.64 12.39
N PHE A 92 -28.46 -16.91 12.46
CA PHE A 92 -28.42 -15.45 12.59
C PHE A 92 -29.59 -14.94 13.40
N LYS A 93 -29.35 -13.83 14.12
CA LYS A 93 -30.32 -13.30 15.07
C LYS A 93 -30.93 -11.98 14.56
N SER A 94 -32.23 -12.00 14.27
CA SER A 94 -32.93 -10.79 13.79
C SER A 94 -33.24 -9.81 14.93
N SER A 95 -33.70 -8.62 14.57
CA SER A 95 -33.93 -7.55 15.54
C SER A 95 -35.03 -7.86 16.58
N ASP A 96 -35.93 -8.78 16.27
CA ASP A 96 -36.99 -9.15 17.21
C ASP A 96 -36.54 -10.24 18.19
N GLY A 97 -35.27 -10.63 18.10
CA GLY A 97 -34.71 -11.61 19.02
C GLY A 97 -34.69 -13.04 18.50
N THR A 98 -35.32 -13.27 17.35
CA THR A 98 -35.45 -14.61 16.79
C THR A 98 -34.12 -15.16 16.28
N TRP A 99 -33.70 -16.31 16.78
CA TRP A 99 -32.57 -16.99 16.17
C TRP A 99 -33.08 -17.80 14.99
N TRP A 100 -32.55 -17.49 13.80
CA TRP A 100 -32.87 -18.24 12.58
C TRP A 100 -31.74 -19.21 12.28
N GLU A 101 -32.07 -20.41 11.83
CA GLU A 101 -31.04 -21.42 11.56
C GLU A 101 -31.08 -21.92 10.11
N LEU A 102 -29.93 -22.40 9.64
CA LEU A 102 -29.80 -22.85 8.25
C LEU A 102 -29.83 -24.36 8.14
N THR A 103 -29.96 -25.04 9.29
CA THR A 103 -30.06 -26.48 9.34
C THR A 103 -31.15 -26.80 10.35
N PRO A 104 -32.21 -27.52 9.91
CA PRO A 104 -33.33 -27.85 10.81
C PRO A 104 -32.85 -28.66 12.03
N GLY A 105 -33.29 -28.25 13.23
CA GLY A 105 -33.02 -29.00 14.45
C GLY A 105 -31.61 -28.90 15.00
N LEU A 106 -30.79 -28.00 14.44
CA LEU A 106 -29.39 -27.93 14.85
C LEU A 106 -29.18 -27.05 16.09
N ILE A 107 -29.77 -25.87 16.08
CA ILE A 107 -29.58 -24.89 17.14
C ILE A 107 -30.80 -24.87 18.06
N PRO A 108 -30.58 -25.07 19.38
CA PRO A 108 -31.64 -25.06 20.38
C PRO A 108 -32.49 -23.80 20.33
N GLY A 109 -33.79 -23.96 20.14
CA GLY A 109 -34.71 -22.84 20.19
C GLY A 109 -34.74 -21.97 18.94
N ALA A 110 -33.97 -22.36 17.93
CA ALA A 110 -33.90 -21.58 16.69
C ALA A 110 -35.06 -21.90 15.75
N THR A 111 -35.34 -20.97 14.83
CA THR A 111 -36.37 -21.16 13.82
C THR A 111 -35.72 -21.39 12.46
N TYR A 112 -36.12 -22.45 11.76
CA TYR A 112 -35.53 -22.76 10.45
C TYR A 112 -35.92 -21.69 9.45
N VAL A 113 -34.93 -21.18 8.71
CA VAL A 113 -35.18 -20.06 7.81
C VAL A 113 -35.93 -20.47 6.55
N GLY A 114 -35.90 -21.76 6.22
CA GLY A 114 -36.64 -22.25 5.06
C GLY A 114 -35.77 -22.75 3.91
N PHE A 115 -34.46 -22.53 4.02
CA PHE A 115 -33.52 -23.00 3.02
C PHE A 115 -32.21 -23.41 3.69
N GLY A 116 -31.41 -24.23 3.01
CA GLY A 116 -30.17 -24.73 3.59
C GLY A 116 -29.01 -23.75 3.46
N GLY A 117 -27.88 -24.10 4.09
CA GLY A 117 -26.74 -23.20 4.14
C GLY A 117 -25.65 -23.40 3.10
N THR A 118 -25.79 -24.39 2.22
CA THR A 118 -24.77 -24.64 1.19
C THR A 118 -24.97 -23.69 0.01
N TYR A 119 -23.93 -23.49 -0.80
CA TYR A 119 -24.10 -22.64 -1.98
C TYR A 119 -25.09 -23.25 -2.96
N ARG A 120 -25.11 -24.58 -3.06
CA ARG A 120 -26.14 -25.25 -3.85
C ARG A 120 -27.54 -24.84 -3.36
N ASP A 121 -27.73 -24.84 -2.05
CA ASP A 121 -29.00 -24.40 -1.46
C ASP A 121 -29.29 -22.93 -1.77
N LEU A 122 -28.28 -22.08 -1.62
CA LEU A 122 -28.45 -20.63 -1.73
C LEU A 122 -28.52 -20.13 -3.18
N LEU A 123 -27.74 -20.74 -4.06
CA LEU A 123 -27.54 -20.26 -5.44
C LEU A 123 -28.06 -21.22 -6.51
N GLY A 124 -28.16 -22.50 -6.18
CA GLY A 124 -28.46 -23.53 -7.16
C GLY A 124 -27.20 -24.26 -7.62
N ASP A 125 -26.04 -23.64 -7.41
CA ASP A 125 -24.78 -24.14 -7.99
C ASP A 125 -23.58 -23.32 -7.48
N THR A 126 -22.52 -24.00 -7.05
CA THR A 126 -21.30 -23.32 -6.60
C THR A 126 -20.57 -22.58 -7.72
N ASP A 127 -21.15 -22.59 -8.93
CA ASP A 127 -20.58 -21.89 -10.07
C ASP A 127 -21.13 -20.47 -10.21
N LYS A 128 -22.25 -20.19 -9.54
CA LYS A 128 -22.86 -18.87 -9.57
C LYS A 128 -22.19 -17.89 -8.60
N LEU A 129 -21.19 -18.37 -7.87
CA LEU A 129 -20.43 -17.51 -6.94
C LEU A 129 -19.87 -16.28 -7.65
N THR A 130 -19.47 -16.46 -8.90
CA THR A 130 -18.87 -15.37 -9.68
C THR A 130 -19.94 -14.38 -10.17
N ASN A 131 -21.18 -14.60 -9.76
CA ASN A 131 -22.28 -13.70 -10.12
C ASN A 131 -22.70 -12.80 -8.96
N VAL A 132 -22.14 -13.04 -7.79
CA VAL A 132 -22.56 -12.33 -6.59
C VAL A 132 -21.85 -10.99 -6.47
N ALA A 133 -22.62 -9.90 -6.48
CA ALA A 133 -22.05 -8.57 -6.33
C ALA A 133 -21.57 -8.35 -4.90
N LEU A 134 -20.31 -7.96 -4.75
CA LEU A 134 -19.75 -7.68 -3.44
C LEU A 134 -19.42 -6.19 -3.32
N GLY A 135 -19.79 -5.59 -2.21
CA GLY A 135 -19.54 -4.18 -2.00
C GLY A 135 -20.21 -3.68 -0.76
N ARG A 136 -19.97 -2.40 -0.44
CA ARG A 136 -20.47 -1.84 0.80
C ARG A 136 -21.99 -1.77 0.86
N GLN A 137 -22.62 -1.33 -0.23
CA GLN A 137 -24.08 -1.29 -0.22
C GLN A 137 -24.68 -2.69 -0.18
N GLN A 138 -24.06 -3.63 -0.90
CA GLN A 138 -24.53 -5.01 -0.88
C GLN A 138 -24.47 -5.59 0.53
N LEU A 139 -23.40 -5.27 1.25
CA LEU A 139 -23.26 -5.68 2.64
C LEU A 139 -24.34 -5.06 3.53
N ALA A 140 -24.58 -3.76 3.38
CA ALA A 140 -25.59 -3.07 4.19
C ALA A 140 -27.00 -3.62 3.93
N ASP A 141 -27.33 -3.81 2.67
CA ASP A 141 -28.65 -4.34 2.31
C ASP A 141 -28.84 -5.76 2.84
N ALA A 142 -27.76 -6.55 2.80
CA ALA A 142 -27.80 -7.90 3.34
C ALA A 142 -28.06 -7.90 4.85
N VAL A 143 -27.34 -7.06 5.58
CA VAL A 143 -27.56 -6.94 7.02
C VAL A 143 -29.00 -6.52 7.29
N THR A 144 -29.45 -5.51 6.57
CA THR A 144 -30.81 -4.99 6.72
C THR A 144 -31.88 -6.06 6.48
N ALA A 145 -31.76 -6.77 5.37
CA ALA A 145 -32.70 -7.83 5.02
C ALA A 145 -32.82 -8.89 6.13
N LEU A 146 -31.69 -9.41 6.59
CA LEU A 146 -31.71 -10.47 7.61
C LEU A 146 -32.07 -9.94 9.00
N HIS A 147 -31.56 -8.77 9.35
CA HIS A 147 -31.86 -8.18 10.65
C HIS A 147 -33.34 -7.81 10.74
N GLY A 148 -33.95 -7.49 9.61
CA GLY A 148 -35.34 -7.08 9.58
C GLY A 148 -36.36 -8.21 9.54
N ARG A 149 -35.88 -9.45 9.49
CA ARG A 149 -36.76 -10.61 9.41
C ARG A 149 -37.56 -10.76 10.71
N THR A 150 -38.86 -10.99 10.58
CA THR A 150 -39.69 -11.21 11.76
C THR A 150 -40.41 -12.56 11.71
N LYS A 151 -40.48 -13.22 12.86
CA LYS A 151 -41.13 -14.52 13.02
C LYS A 151 -42.56 -14.49 12.48
N ALA A 152 -43.27 -13.43 12.84
CA ALA A 152 -44.69 -13.31 12.53
C ALA A 152 -44.99 -13.14 11.04
N ASP A 153 -44.01 -12.65 10.28
CA ASP A 153 -44.20 -12.44 8.85
C ASP A 153 -44.63 -13.70 8.12
N LYS A 154 -45.69 -13.60 7.33
CA LYS A 154 -46.22 -14.76 6.60
C LYS A 154 -45.26 -15.16 5.49
N PRO A 155 -45.22 -16.47 5.16
CA PRO A 155 -44.27 -17.00 4.16
C PRO A 155 -44.31 -16.25 2.83
N SER A 156 -43.13 -15.96 2.29
CA SER A 156 -43.04 -15.24 1.01
C SER A 156 -41.86 -15.70 0.15
N GLY A 157 -42.17 -16.16 -1.06
CA GLY A 157 -41.15 -16.53 -2.04
C GLY A 157 -40.13 -15.43 -2.36
N PRO A 158 -40.62 -14.20 -2.61
CA PRO A 158 -39.69 -13.08 -2.79
C PRO A 158 -38.84 -12.79 -1.54
N LYS A 159 -39.43 -12.87 -0.35
CA LYS A 159 -38.66 -12.66 0.88
C LYS A 159 -37.58 -13.74 1.06
N GLN A 160 -37.89 -14.96 0.65
CA GLN A 160 -36.94 -16.07 0.74
C GLN A 160 -35.78 -15.85 -0.23
N GLN A 161 -36.11 -15.44 -1.45
CA GLN A 161 -35.08 -15.17 -2.44
C GLN A 161 -34.15 -14.05 -1.97
N GLN A 162 -34.73 -13.04 -1.32
CA GLN A 162 -33.93 -11.95 -0.76
C GLN A 162 -33.02 -12.47 0.33
N ALA A 163 -33.55 -13.32 1.21
CA ALA A 163 -32.77 -13.86 2.31
C ALA A 163 -31.61 -14.73 1.80
N ARG A 164 -31.89 -15.58 0.81
CA ARG A 164 -30.83 -16.40 0.22
C ARG A 164 -29.69 -15.55 -0.32
N GLU A 165 -30.04 -14.49 -1.05
CA GLU A 165 -29.02 -13.61 -1.60
C GLU A 165 -28.26 -12.91 -0.47
N ALA A 166 -28.97 -12.50 0.58
CA ALA A 166 -28.33 -11.83 1.73
C ALA A 166 -27.33 -12.73 2.44
N VAL A 167 -27.73 -13.97 2.72
CA VAL A 167 -26.84 -14.94 3.33
C VAL A 167 -25.62 -15.20 2.45
N THR A 168 -25.84 -15.29 1.14
CA THR A 168 -24.72 -15.54 0.22
C THR A 168 -23.72 -14.39 0.27
N THR A 169 -24.23 -13.16 0.31
CA THR A 169 -23.40 -11.96 0.38
C THR A 169 -22.52 -11.96 1.63
N LEU A 170 -23.10 -12.30 2.79
CA LEU A 170 -22.35 -12.37 4.03
C LEU A 170 -21.33 -13.50 4.06
N LEU A 171 -21.68 -14.65 3.48
CA LEU A 171 -20.74 -15.77 3.43
C LEU A 171 -19.46 -15.34 2.70
N LEU A 172 -19.62 -14.66 1.58
CA LEU A 172 -18.46 -14.23 0.83
C LEU A 172 -17.70 -13.13 1.57
N MET A 173 -18.44 -12.15 2.10
CA MET A 173 -17.80 -10.98 2.70
C MET A 173 -17.30 -11.21 4.13
N VAL A 174 -17.85 -12.21 4.80
CA VAL A 174 -17.39 -12.52 6.14
C VAL A 174 -16.63 -13.83 6.18
N ASN A 175 -17.31 -14.94 5.90
CA ASN A 175 -16.72 -16.27 6.09
C ASN A 175 -15.59 -16.57 5.12
N GLU A 176 -15.81 -16.34 3.83
CA GLU A 176 -14.79 -16.64 2.84
C GLU A 176 -13.65 -15.64 2.92
N ALA A 177 -13.97 -14.41 3.30
CA ALA A 177 -12.92 -13.42 3.52
C ALA A 177 -12.01 -13.81 4.69
N THR A 178 -12.60 -14.39 5.73
CA THR A 178 -11.80 -14.90 6.83
C THR A 178 -10.88 -16.01 6.33
N ARG A 179 -11.41 -16.90 5.50
CA ARG A 179 -10.64 -18.05 5.04
C ARG A 179 -9.52 -17.68 4.06
N PHE A 180 -9.76 -16.67 3.25
CA PHE A 180 -8.88 -16.34 2.13
C PHE A 180 -8.41 -14.91 2.10
N GLN A 181 -7.10 -14.71 2.08
CA GLN A 181 -6.59 -13.35 1.93
C GLN A 181 -6.89 -12.79 0.55
N THR A 182 -7.07 -13.66 -0.44
CA THR A 182 -7.44 -13.18 -1.77
C THR A 182 -8.80 -12.53 -1.68
N VAL A 183 -9.74 -13.22 -1.05
CA VAL A 183 -11.11 -12.69 -0.93
C VAL A 183 -11.18 -11.48 -0.01
N SER A 184 -10.56 -11.54 1.16
CA SER A 184 -10.60 -10.40 2.06
C SER A 184 -9.98 -9.17 1.40
N GLY A 185 -8.90 -9.38 0.65
CA GLY A 185 -8.23 -8.28 -0.04
C GLY A 185 -9.10 -7.72 -1.14
N PHE A 186 -9.78 -8.60 -1.86
CA PHE A 186 -10.66 -8.16 -2.95
C PHE A 186 -11.77 -7.27 -2.38
N VAL A 187 -12.39 -7.73 -1.29
CA VAL A 187 -13.49 -7.00 -0.68
C VAL A 187 -13.05 -5.68 -0.08
N ALA A 188 -11.89 -5.68 0.59
CA ALA A 188 -11.39 -4.46 1.20
C ALA A 188 -11.12 -3.42 0.13
N GLY A 189 -10.73 -3.90 -1.05
CA GLY A 189 -10.43 -3.03 -2.17
C GLY A 189 -11.65 -2.38 -2.78
N LEU A 190 -12.83 -2.90 -2.45
CA LEU A 190 -14.09 -2.34 -2.95
C LEU A 190 -14.67 -1.34 -1.96
N LEU A 191 -14.07 -1.28 -0.77
CA LEU A 191 -14.55 -0.39 0.28
C LEU A 191 -13.85 0.97 0.25
N HIS A 192 -14.62 2.03 0.04
CA HIS A 192 -14.02 3.36 -0.09
C HIS A 192 -14.71 4.38 0.82
N PRO A 193 -14.06 5.55 1.03
CA PRO A 193 -14.70 6.63 1.80
C PRO A 193 -15.94 7.17 1.09
N LYS A 194 -16.74 7.98 1.78
CA LYS A 194 -17.99 8.45 1.20
C LYS A 194 -17.79 9.47 0.06
N ALA A 195 -16.62 10.08 0.00
CA ALA A 195 -16.29 11.00 -1.11
C ALA A 195 -16.03 10.24 -2.42
N VAL A 196 -15.99 8.91 -2.36
CA VAL A 196 -15.79 8.06 -3.53
C VAL A 196 -17.12 7.43 -3.95
N ALA A 197 -17.35 7.28 -5.25
CA ALA A 197 -18.60 6.68 -5.75
C ALA A 197 -18.85 5.28 -5.16
N ALA A 198 -20.12 4.90 -5.02
CA ALA A 198 -20.45 3.57 -4.52
C ALA A 198 -19.87 2.56 -5.51
N ALA A 199 -19.34 1.45 -4.99
CA ALA A 199 -18.60 0.49 -5.81
C ALA A 199 -19.04 -0.93 -5.54
N SER A 200 -18.88 -1.79 -6.53
CA SER A 200 -19.03 -3.22 -6.33
C SER A 200 -18.28 -4.01 -7.39
N GLY A 201 -18.07 -5.29 -7.12
CA GLY A 201 -17.37 -6.15 -8.06
C GLY A 201 -17.68 -7.60 -7.79
N LYS A 202 -17.22 -8.47 -8.68
CA LYS A 202 -17.49 -9.90 -8.55
C LYS A 202 -16.19 -10.67 -8.65
N ILE A 203 -16.08 -11.75 -7.88
CA ILE A 203 -14.85 -12.54 -7.88
C ILE A 203 -14.64 -13.28 -9.19
N GLY A 204 -13.38 -13.54 -9.52
CA GLY A 204 -13.04 -14.28 -10.72
C GLY A 204 -13.01 -15.77 -10.45
N ASN A 205 -12.63 -16.54 -11.47
CA ASN A 205 -12.63 -17.99 -11.35
C ASN A 205 -11.58 -18.55 -10.41
N GLU A 206 -10.50 -17.82 -10.19
CA GLU A 206 -9.47 -18.32 -9.27
C GLU A 206 -9.99 -18.34 -7.84
N MET A 207 -10.64 -17.24 -7.43
CA MET A 207 -11.20 -17.14 -6.09
C MET A 207 -12.40 -18.07 -5.92
N LYS A 208 -13.14 -18.29 -6.99
CA LYS A 208 -14.22 -19.28 -6.92
C LYS A 208 -13.65 -20.67 -6.65
N ALA A 209 -12.59 -21.04 -7.37
CA ALA A 209 -11.94 -22.34 -7.17
C ALA A 209 -11.34 -22.48 -5.76
N GLN A 210 -10.73 -21.42 -5.26
CA GLN A 210 -10.19 -21.41 -3.91
C GLN A 210 -11.29 -21.65 -2.89
N VAL A 211 -12.36 -20.87 -2.98
CA VAL A 211 -13.50 -21.00 -2.08
C VAL A 211 -14.06 -22.43 -2.11
N ASN A 212 -14.16 -22.99 -3.32
CA ASN A 212 -14.68 -24.35 -3.45
C ASN A 212 -13.70 -25.48 -3.08
N GLY A 213 -12.44 -25.12 -2.78
CA GLY A 213 -11.42 -26.11 -2.47
C GLY A 213 -10.60 -25.75 -1.24
N TRP A 214 -11.21 -25.09 -0.28
CA TRP A 214 -10.55 -24.68 0.95
C TRP A 214 -9.82 -25.84 1.64
N GLN A 215 -10.49 -26.99 1.74
CA GLN A 215 -9.85 -28.15 2.38
C GLN A 215 -8.66 -28.63 1.52
N ASP A 216 -8.86 -28.71 0.21
CA ASP A 216 -7.78 -29.12 -0.69
C ASP A 216 -6.56 -28.21 -0.60
N LEU A 217 -6.78 -26.89 -0.61
CA LEU A 217 -5.65 -25.94 -0.56
C LEU A 217 -4.97 -26.01 0.81
N SER A 218 -5.75 -26.12 1.87
CA SER A 218 -5.22 -26.31 3.22
C SER A 218 -4.34 -27.56 3.31
N ALA A 219 -4.86 -28.70 2.88
CA ALA A 219 -4.10 -29.94 2.90
C ALA A 219 -2.84 -29.85 2.04
N ALA A 220 -2.93 -29.15 0.91
CA ALA A 220 -1.79 -29.07 0.01
C ALA A 220 -0.63 -28.34 0.69
N LEU A 221 -0.93 -27.29 1.43
CA LEU A 221 0.13 -26.56 2.14
C LEU A 221 0.62 -27.36 3.34
N LEU A 222 -0.29 -28.01 4.05
CA LEU A 222 0.08 -28.78 5.24
C LEU A 222 1.04 -29.94 4.93
N LYS A 223 0.86 -30.56 3.77
CA LYS A 223 1.75 -31.63 3.34
C LYS A 223 3.19 -31.16 3.20
N THR A 224 3.39 -29.88 2.90
CA THR A 224 4.74 -29.33 2.76
C THR A 224 5.48 -29.19 4.08
N ASP A 225 4.76 -29.27 5.20
CA ASP A 225 5.37 -29.16 6.52
C ASP A 225 5.82 -30.50 7.07
N VAL A 226 5.38 -31.56 6.41
CA VAL A 226 5.64 -32.91 6.88
C VAL A 226 7.12 -33.25 6.71
N LYS A 227 7.74 -33.71 7.77
CA LYS A 227 9.11 -34.19 7.68
C LYS A 227 9.17 -35.41 6.76
N PRO A 228 10.08 -35.40 5.79
CA PRO A 228 10.20 -36.45 4.77
C PRO A 228 10.78 -37.74 5.32
N PRO A 229 10.23 -38.89 4.90
CA PRO A 229 10.79 -40.21 5.24
C PRO A 229 12.27 -40.32 4.88
N PRO A 230 13.02 -41.19 5.59
CA PRO A 230 14.43 -41.44 5.28
C PRO A 230 14.61 -42.03 3.88
N GLY A 231 15.55 -41.48 3.12
CA GLY A 231 15.81 -41.97 1.78
C GLY A 231 15.02 -41.26 0.69
N LYS A 232 14.07 -40.42 1.10
CA LYS A 232 13.24 -39.67 0.17
C LYS A 232 13.46 -38.16 0.29
N SER A 233 12.97 -37.43 -0.71
CA SER A 233 13.13 -35.97 -0.75
C SER A 233 11.94 -35.25 -0.12
N PRO A 234 12.20 -34.11 0.54
CA PRO A 234 11.14 -33.32 1.20
C PRO A 234 10.02 -32.93 0.24
N ALA A 235 8.79 -32.93 0.74
CA ALA A 235 7.60 -32.68 -0.09
C ALA A 235 7.59 -31.28 -0.70
N LYS A 236 7.33 -31.23 -2.00
CA LYS A 236 7.21 -29.97 -2.72
C LYS A 236 5.72 -29.66 -2.93
N PHE A 237 5.35 -28.38 -2.85
CA PHE A 237 3.97 -27.99 -3.04
C PHE A 237 3.45 -28.43 -4.41
N ALA A 238 2.25 -29.00 -4.43
CA ALA A 238 1.60 -29.41 -5.68
C ALA A 238 0.59 -28.35 -6.11
N PRO A 239 0.89 -27.67 -7.22
CA PRO A 239 0.01 -26.61 -7.72
C PRO A 239 -1.43 -27.06 -7.90
N ILE A 240 -2.36 -26.19 -7.54
CA ILE A 240 -3.77 -26.34 -7.89
C ILE A 240 -4.04 -25.26 -8.94
N GLU A 241 -3.98 -25.64 -10.21
CA GLU A 241 -3.95 -24.67 -11.31
C GLU A 241 -5.19 -23.79 -11.41
N LYS A 242 -6.36 -24.37 -11.13
CA LYS A 242 -7.62 -23.61 -11.20
C LYS A 242 -7.65 -22.48 -10.18
N MET A 243 -6.91 -22.64 -9.09
CA MET A 243 -6.89 -21.64 -8.04
C MET A 243 -5.87 -20.53 -8.33
N GLY A 244 -5.06 -20.72 -9.36
CA GLY A 244 -4.00 -19.77 -9.67
C GLY A 244 -2.86 -19.88 -8.65
N VAL A 245 -2.83 -20.98 -7.91
CA VAL A 245 -1.84 -21.18 -6.87
C VAL A 245 -0.84 -22.25 -7.27
N ARG A 246 0.39 -21.84 -7.56
CA ARG A 246 1.39 -22.79 -8.04
C ARG A 246 2.55 -23.08 -7.08
N THR A 247 2.72 -22.24 -6.06
CA THR A 247 3.82 -22.43 -5.12
C THR A 247 3.32 -22.33 -3.67
N ALA A 248 4.10 -22.83 -2.73
CA ALA A 248 3.76 -22.73 -1.31
C ALA A 248 3.69 -21.26 -0.87
N VAL A 249 4.56 -20.43 -1.43
CA VAL A 249 4.53 -19.00 -1.16
C VAL A 249 3.20 -18.41 -1.61
N GLN A 250 2.75 -18.79 -2.79
CA GLN A 250 1.44 -18.37 -3.27
C GLN A 250 0.30 -18.94 -2.42
N ALA A 251 0.43 -20.20 -1.98
CA ALA A 251 -0.56 -20.78 -1.09
C ALA A 251 -0.67 -20.00 0.22
N ALA A 252 0.47 -19.63 0.80
CA ALA A 252 0.49 -18.90 2.05
C ALA A 252 -0.11 -17.50 1.89
N ASN A 253 0.19 -16.84 0.78
CA ASN A 253 -0.38 -15.52 0.51
C ASN A 253 -1.89 -15.60 0.26
N THR A 254 -2.35 -16.79 -0.12
CA THR A 254 -3.76 -17.00 -0.43
C THR A 254 -4.61 -17.35 0.80
N LEU A 255 -4.10 -18.25 1.63
CA LEU A 255 -4.82 -18.73 2.82
C LEU A 255 -4.88 -17.71 3.96
N GLY A 256 -6.08 -17.31 4.33
CA GLY A 256 -6.31 -16.48 5.50
C GLY A 256 -6.15 -17.31 6.76
N ILE A 257 -6.84 -18.43 6.81
CA ILE A 257 -6.63 -19.40 7.90
C ILE A 257 -6.96 -20.78 7.35
N LEU A 258 -6.14 -21.78 7.70
CA LEU A 258 -6.28 -23.12 7.14
C LEU A 258 -7.33 -23.92 7.90
N LEU A 259 -8.10 -24.74 7.19
CA LEU A 259 -8.91 -25.74 7.85
C LEU A 259 -7.95 -26.80 8.34
N PHE A 260 -8.15 -27.35 9.53
CA PHE A 260 -7.33 -28.48 9.90
C PHE A 260 -7.63 -29.67 9.02
N VAL A 261 -6.58 -30.30 8.49
CA VAL A 261 -6.72 -31.52 7.71
C VAL A 261 -5.68 -32.54 8.16
N GLU A 262 -6.11 -33.78 8.33
CA GLU A 262 -5.15 -34.84 8.60
C GLU A 262 -4.46 -35.24 7.31
N VAL A 263 -3.15 -35.03 7.25
CA VAL A 263 -2.37 -35.48 6.11
C VAL A 263 -1.38 -36.54 6.59
N PRO A 264 -1.00 -37.48 5.71
CA PRO A 264 -0.07 -38.53 6.11
C PRO A 264 1.23 -37.96 6.68
N GLY A 265 1.59 -38.36 7.90
CA GLY A 265 2.81 -37.87 8.52
C GLY A 265 2.63 -36.54 9.22
N GLY A 266 1.44 -35.95 9.09
CA GLY A 266 1.14 -34.70 9.77
C GLY A 266 0.49 -34.95 11.12
N LEU A 267 0.11 -33.88 11.81
CA LEU A 267 -0.64 -33.97 13.06
C LEU A 267 -1.95 -34.76 12.88
N THR A 268 -2.33 -35.53 13.89
CA THR A 268 -3.66 -36.14 13.93
C THR A 268 -4.61 -35.17 14.61
N VAL A 269 -5.91 -35.44 14.47
CA VAL A 269 -6.94 -34.70 15.19
C VAL A 269 -6.65 -34.62 16.69
N ALA A 270 -6.39 -35.77 17.31
CA ALA A 270 -6.16 -35.82 18.75
C ALA A 270 -4.92 -35.03 19.14
N LYS A 271 -3.83 -35.22 18.40
CA LYS A 271 -2.58 -34.57 18.75
C LYS A 271 -2.69 -33.06 18.57
N ALA A 272 -3.33 -32.63 17.48
CA ALA A 272 -3.44 -31.18 17.23
C ALA A 272 -4.33 -30.50 18.26
N LEU A 273 -5.35 -31.21 18.74
CA LEU A 273 -6.21 -30.68 19.80
C LEU A 273 -5.46 -30.66 21.13
N GLU A 274 -4.58 -31.62 21.30
CA GLU A 274 -3.77 -31.69 22.52
C GLU A 274 -2.83 -30.49 22.60
N LEU A 275 -2.18 -30.16 21.48
CA LEU A 275 -1.30 -29.00 21.44
C LEU A 275 -2.09 -27.71 21.60
N PHE A 276 -3.28 -27.67 21.00
CA PHE A 276 -4.19 -26.55 21.12
C PHE A 276 -4.58 -26.31 22.58
N HIS A 277 -4.96 -27.36 23.28
CA HIS A 277 -5.33 -27.21 24.68
C HIS A 277 -4.13 -26.83 25.54
N ALA A 278 -2.97 -27.40 25.24
CA ALA A 278 -1.74 -27.09 25.98
C ALA A 278 -1.33 -25.64 25.84
N SER A 279 -1.69 -25.02 24.72
CA SER A 279 -1.32 -23.63 24.49
C SER A 279 -2.40 -22.66 24.95
N GLY A 280 -3.41 -23.17 25.66
CA GLY A 280 -4.43 -22.33 26.26
C GLY A 280 -5.69 -22.23 25.43
N GLY A 281 -5.73 -22.99 24.34
CA GLY A 281 -6.87 -22.93 23.44
C GLY A 281 -8.15 -23.46 24.05
N LYS A 282 -9.27 -22.85 23.68
CA LYS A 282 -10.59 -23.34 24.08
C LYS A 282 -11.50 -23.39 22.86
N LYS B 5 -12.26 11.14 -46.54
CA LYS B 5 -12.88 10.84 -45.25
C LYS B 5 -12.14 9.74 -44.49
N MET B 6 -10.92 9.42 -44.92
CA MET B 6 -10.06 8.52 -44.18
C MET B 6 -9.39 9.30 -43.06
N ALA B 7 -9.00 8.62 -41.99
CA ALA B 7 -8.26 9.25 -40.89
C ALA B 7 -6.89 9.71 -41.37
N LYS B 8 -6.34 10.71 -40.69
CA LYS B 8 -5.01 11.23 -40.98
C LYS B 8 -4.15 11.11 -39.73
N ASN B 9 -2.83 10.99 -39.93
CA ASN B 9 -1.86 10.98 -38.83
C ASN B 9 -1.93 9.78 -37.89
N VAL B 10 -2.57 8.69 -38.34
CA VAL B 10 -2.61 7.46 -37.56
C VAL B 10 -1.19 6.92 -37.36
N ASP B 11 -0.32 7.14 -38.33
CA ASP B 11 1.05 6.65 -38.22
C ASP B 11 1.99 7.74 -37.69
N LYS B 12 1.42 8.89 -37.33
CA LYS B 12 2.18 9.95 -36.65
C LYS B 12 1.59 10.21 -35.28
N PRO B 13 1.74 9.25 -34.35
CA PRO B 13 1.09 9.38 -33.04
C PRO B 13 1.61 10.56 -32.26
N LEU B 14 0.73 11.22 -31.53
CA LEU B 14 1.13 12.37 -30.71
C LEU B 14 2.06 11.94 -29.58
N PHE B 15 1.83 10.73 -29.08
CA PHE B 15 2.71 10.11 -28.08
C PHE B 15 2.48 8.60 -28.10
N THR B 16 3.40 7.88 -27.47
CA THR B 16 3.27 6.43 -27.32
C THR B 16 3.38 6.07 -25.86
N ALA B 17 2.37 5.39 -25.32
CA ALA B 17 2.45 4.88 -23.94
C ALA B 17 2.66 3.37 -23.93
N THR B 18 3.59 2.90 -23.10
CA THR B 18 3.98 1.49 -23.13
C THR B 18 3.78 0.83 -21.78
N PHE B 19 3.26 -0.39 -21.79
CA PHE B 19 3.08 -1.17 -20.57
C PHE B 19 3.58 -2.60 -20.79
N ASN B 20 4.39 -3.07 -19.86
CA ASN B 20 4.80 -4.48 -19.78
C ASN B 20 3.76 -5.22 -18.97
N VAL B 21 3.04 -6.16 -19.59
CA VAL B 21 1.94 -6.83 -18.90
C VAL B 21 2.37 -7.58 -17.63
N GLN B 22 3.68 -7.80 -17.47
CA GLN B 22 4.18 -8.47 -16.26
C GLN B 22 4.60 -7.49 -15.17
N ALA B 23 4.45 -6.20 -15.43
CA ALA B 23 4.89 -5.15 -14.51
C ALA B 23 3.96 -4.95 -13.31
N SER B 24 4.40 -4.17 -12.34
CA SER B 24 3.66 -4.03 -11.08
C SER B 24 2.38 -3.20 -11.20
N SER B 25 1.50 -3.34 -10.22
CA SER B 25 0.33 -2.48 -10.07
C SER B 25 0.70 -1.00 -10.08
N ALA B 26 1.79 -0.64 -9.38
CA ALA B 26 2.26 0.74 -9.42
C ALA B 26 2.60 1.19 -10.84
N ASP B 27 3.27 0.33 -11.61
CA ASP B 27 3.68 0.70 -12.96
C ASP B 27 2.45 0.81 -13.89
N TYR B 28 1.44 0.00 -13.63
CA TYR B 28 0.20 0.11 -14.39
C TYR B 28 -0.47 1.45 -14.11
N ALA B 29 -0.51 1.84 -12.83
CA ALA B 29 -1.12 3.11 -12.44
C ALA B 29 -0.42 4.28 -13.10
N THR B 30 0.91 4.22 -13.17
CA THR B 30 1.65 5.32 -13.78
C THR B 30 1.44 5.36 -15.29
N PHE B 31 1.34 4.17 -15.89
CA PHE B 31 1.04 4.02 -17.32
C PHE B 31 -0.27 4.70 -17.66
N ILE B 32 -1.33 4.36 -16.92
CA ILE B 32 -2.64 4.98 -17.13
C ILE B 32 -2.59 6.48 -16.84
N ALA B 33 -1.99 6.88 -15.72
CA ALA B 33 -1.94 8.30 -15.38
C ALA B 33 -1.23 9.08 -16.48
N GLY B 34 -0.25 8.46 -17.12
CA GLY B 34 0.55 9.11 -18.15
C GLY B 34 -0.25 9.37 -19.40
N ILE B 35 -1.13 8.42 -19.73
CA ILE B 35 -2.00 8.58 -20.87
C ILE B 35 -2.94 9.74 -20.63
N ARG B 36 -3.58 9.78 -19.47
CA ARG B 36 -4.49 10.89 -19.17
C ARG B 36 -3.80 12.24 -19.29
N ASN B 37 -2.62 12.36 -18.69
CA ASN B 37 -1.90 13.62 -18.73
C ASN B 37 -1.54 14.06 -20.15
N LYS B 38 -1.14 13.12 -21.01
CA LYS B 38 -0.74 13.51 -22.36
C LYS B 38 -1.92 13.77 -23.29
N LEU B 39 -3.09 13.26 -22.90
CA LEU B 39 -4.32 13.54 -23.64
C LEU B 39 -4.97 14.87 -23.27
N ARG B 40 -4.51 15.47 -22.17
CA ARG B 40 -5.24 16.59 -21.58
C ARG B 40 -5.25 17.84 -22.46
N ASN B 41 -6.30 18.64 -22.31
CA ASN B 41 -6.28 20.03 -22.75
C ASN B 41 -5.77 20.81 -21.56
N PRO B 42 -4.53 21.34 -21.63
CA PRO B 42 -3.93 22.03 -20.49
C PRO B 42 -4.81 23.17 -19.97
N ALA B 43 -5.60 23.79 -20.87
CA ALA B 43 -6.43 24.94 -20.52
C ALA B 43 -7.79 24.56 -19.95
N HIS B 44 -8.09 23.26 -19.87
CA HIS B 44 -9.41 22.84 -19.40
C HIS B 44 -9.33 21.67 -18.41
N PHE B 45 -9.42 21.99 -17.12
CA PHE B 45 -9.54 20.97 -16.09
C PHE B 45 -10.90 21.17 -15.42
N SER B 46 -11.37 20.15 -14.71
CA SER B 46 -12.59 20.29 -13.92
C SER B 46 -12.40 19.51 -12.63
N HIS B 47 -12.48 20.22 -11.51
CA HIS B 47 -12.26 19.60 -10.20
C HIS B 47 -10.98 18.76 -10.15
N ASN B 48 -9.90 19.32 -10.69
CA ASN B 48 -8.56 18.69 -10.72
C ASN B 48 -8.43 17.54 -11.73
N ARG B 49 -9.50 17.25 -12.46
CA ARG B 49 -9.46 16.20 -13.48
C ARG B 49 -9.24 16.79 -14.88
N PRO B 50 -8.41 16.13 -15.70
CA PRO B 50 -8.18 16.65 -17.05
C PRO B 50 -9.43 16.47 -17.93
N VAL B 51 -9.62 17.39 -18.86
CA VAL B 51 -10.68 17.30 -19.86
C VAL B 51 -10.00 17.15 -21.21
N LEU B 52 -10.52 16.27 -22.05
CA LEU B 52 -9.97 16.09 -23.38
C LEU B 52 -10.24 17.36 -24.18
N PRO B 53 -9.41 17.67 -25.18
CA PRO B 53 -9.85 18.76 -26.06
C PRO B 53 -11.05 18.29 -26.89
N PRO B 54 -11.79 19.22 -27.50
CA PRO B 54 -12.91 18.79 -28.36
C PRO B 54 -12.40 18.03 -29.57
N VAL B 55 -13.30 17.29 -30.21
CA VAL B 55 -13.04 16.72 -31.53
C VAL B 55 -12.97 17.88 -32.52
N GLU B 56 -11.95 17.89 -33.39
CA GLU B 56 -11.81 18.94 -34.39
C GLU B 56 -12.94 18.83 -35.41
N PRO B 57 -13.72 19.90 -35.56
CA PRO B 57 -14.89 19.81 -36.45
C PRO B 57 -14.49 19.96 -37.90
N ASN B 58 -15.32 19.42 -38.79
CA ASN B 58 -15.19 19.64 -40.23
C ASN B 58 -13.92 19.05 -40.84
N VAL B 59 -13.27 18.15 -40.11
CA VAL B 59 -12.10 17.43 -40.59
C VAL B 59 -12.18 15.99 -40.11
N PRO B 60 -11.56 15.05 -40.83
CA PRO B 60 -11.56 13.65 -40.37
C PRO B 60 -10.67 13.50 -39.13
N PRO B 61 -10.79 12.39 -38.38
CA PRO B 61 -9.98 12.25 -37.17
C PRO B 61 -8.49 12.29 -37.47
N SER B 62 -7.82 13.34 -36.98
CA SER B 62 -6.43 13.58 -37.35
C SER B 62 -5.48 13.57 -36.16
N ARG B 63 -5.99 13.20 -34.98
CA ARG B 63 -5.19 13.19 -33.76
C ARG B 63 -5.24 11.82 -33.11
N TRP B 64 -4.08 11.17 -33.05
CA TRP B 64 -3.98 9.77 -32.65
C TRP B 64 -2.84 9.59 -31.67
N PHE B 65 -2.96 8.59 -30.80
CA PHE B 65 -1.80 8.12 -30.03
C PHE B 65 -1.65 6.61 -30.11
N HIS B 66 -0.48 6.12 -29.69
CA HIS B 66 -0.25 4.68 -29.65
C HIS B 66 -0.09 4.21 -28.23
N VAL B 67 -0.60 3.01 -27.98
CA VAL B 67 -0.31 2.27 -26.76
C VAL B 67 0.43 1.01 -27.18
N VAL B 68 1.56 0.72 -26.54
CA VAL B 68 2.29 -0.51 -26.82
C VAL B 68 2.20 -1.44 -25.62
N LEU B 69 1.70 -2.66 -25.81
CA LEU B 69 1.59 -3.62 -24.72
C LEU B 69 2.59 -4.77 -24.94
N LYS B 70 3.53 -4.92 -24.02
CA LYS B 70 4.62 -5.89 -24.15
C LYS B 70 4.44 -7.11 -23.26
N ALA B 71 4.69 -8.29 -23.80
CA ALA B 71 4.62 -9.53 -23.01
C ALA B 71 5.72 -9.53 -21.95
N SER B 72 6.82 -8.86 -22.25
CA SER B 72 7.98 -8.81 -21.37
C SER B 72 8.80 -7.59 -21.77
N PRO B 73 9.77 -7.17 -20.92
CA PRO B 73 10.57 -6.00 -21.28
C PRO B 73 11.31 -6.15 -22.61
N THR B 74 11.60 -7.39 -22.99
CA THR B 74 12.38 -7.66 -24.21
C THR B 74 11.52 -8.02 -25.42
N SER B 75 10.19 -8.04 -25.24
CA SER B 75 9.29 -8.40 -26.33
C SER B 75 8.92 -7.20 -27.19
N ALA B 76 8.80 -7.41 -28.50
CA ALA B 76 8.19 -6.41 -29.35
C ALA B 76 6.72 -6.41 -28.95
N GLY B 77 6.13 -5.24 -28.79
CA GLY B 77 4.80 -5.17 -28.24
C GLY B 77 3.71 -5.16 -29.30
N LEU B 78 2.48 -5.37 -28.86
CA LEU B 78 1.31 -5.10 -29.70
C LEU B 78 1.07 -3.60 -29.68
N THR B 79 0.97 -2.99 -30.86
CA THR B 79 0.66 -1.56 -30.95
C THR B 79 -0.83 -1.35 -31.20
N LEU B 80 -1.41 -0.45 -30.42
CA LEU B 80 -2.82 -0.06 -30.57
C LEU B 80 -2.88 1.35 -31.10
N ALA B 81 -3.74 1.60 -32.09
CA ALA B 81 -3.97 2.97 -32.56
C ALA B 81 -5.26 3.50 -31.95
N ILE B 82 -5.16 4.62 -31.24
CA ILE B 82 -6.30 5.13 -30.46
C ILE B 82 -6.47 6.62 -30.73
N ARG B 83 -7.71 7.07 -30.95
CA ARG B 83 -7.99 8.49 -31.17
C ARG B 83 -7.65 9.30 -29.93
N ALA B 84 -6.99 10.44 -30.12
CA ALA B 84 -6.61 11.28 -28.99
C ALA B 84 -7.71 12.27 -28.60
N ASP B 85 -8.84 12.21 -29.30
CA ASP B 85 -9.94 13.13 -29.00
C ASP B 85 -11.04 12.48 -28.17
N ASN B 86 -11.26 11.18 -28.36
CA ASN B 86 -12.30 10.47 -27.61
C ASN B 86 -11.84 9.11 -27.07
N ILE B 87 -10.55 8.83 -27.25
CA ILE B 87 -9.89 7.61 -26.73
C ILE B 87 -10.52 6.34 -27.32
N TYR B 88 -10.92 6.42 -28.58
N TYR B 88 -10.93 6.42 -28.59
CA TYR B 88 -11.49 5.26 -29.25
CA TYR B 88 -11.54 5.27 -29.25
C TYR B 88 -10.43 4.42 -29.95
C TYR B 88 -10.48 4.42 -29.96
N LEU B 89 -10.38 3.15 -29.57
CA LEU B 89 -9.50 2.18 -30.24
C LEU B 89 -10.03 1.89 -31.64
N GLU B 90 -9.20 2.08 -32.65
CA GLU B 90 -9.63 1.77 -34.02
C GLU B 90 -8.70 0.80 -34.74
N GLY B 91 -7.48 0.63 -34.24
CA GLY B 91 -6.51 -0.20 -34.94
C GLY B 91 -5.56 -0.93 -34.03
N PHE B 92 -5.10 -2.11 -34.46
CA PHE B 92 -4.01 -2.82 -33.78
C PHE B 92 -3.06 -3.47 -34.78
N LYS B 93 -1.78 -3.51 -34.42
CA LYS B 93 -0.74 -3.99 -35.32
C LYS B 93 -0.23 -5.35 -34.90
N SER B 94 -0.47 -6.37 -35.73
CA SER B 94 0.01 -7.71 -35.45
C SER B 94 1.51 -7.85 -35.73
N SER B 95 2.11 -8.92 -35.23
CA SER B 95 3.55 -9.10 -35.33
C SER B 95 4.02 -9.19 -36.79
N ASP B 96 3.19 -9.79 -37.65
CA ASP B 96 3.52 -9.90 -39.07
C ASP B 96 3.52 -8.54 -39.78
N GLY B 97 3.15 -7.49 -39.04
CA GLY B 97 3.20 -6.13 -39.56
C GLY B 97 1.87 -5.58 -40.03
N THR B 98 0.86 -6.44 -40.10
CA THR B 98 -0.47 -6.03 -40.55
C THR B 98 -1.13 -5.10 -39.54
N TRP B 99 -1.55 -3.92 -40.00
CA TRP B 99 -2.46 -3.09 -39.21
C TRP B 99 -3.90 -3.53 -39.45
N TRP B 100 -4.56 -3.97 -38.39
CA TRP B 100 -5.95 -4.37 -38.43
C TRP B 100 -6.81 -3.23 -37.90
N GLU B 101 -7.98 -3.02 -38.51
CA GLU B 101 -8.86 -1.91 -38.10
C GLU B 101 -10.24 -2.40 -37.70
N LEU B 102 -10.89 -1.66 -36.81
CA LEU B 102 -12.22 -2.02 -36.33
C LEU B 102 -13.31 -1.30 -37.12
N THR B 103 -12.89 -0.41 -38.01
CA THR B 103 -13.82 0.33 -38.84
C THR B 103 -13.34 0.28 -40.28
N PRO B 104 -14.15 -0.32 -41.17
CA PRO B 104 -13.78 -0.44 -42.59
C PRO B 104 -13.42 0.91 -43.21
N GLY B 105 -12.31 0.96 -43.92
CA GLY B 105 -11.94 2.16 -44.66
C GLY B 105 -11.43 3.35 -43.86
N LEU B 106 -11.20 3.18 -42.57
CA LEU B 106 -10.83 4.32 -41.72
C LEU B 106 -9.33 4.64 -41.70
N ILE B 107 -8.52 3.60 -41.55
CA ILE B 107 -7.06 3.77 -41.43
C ILE B 107 -6.38 3.43 -42.76
N PRO B 108 -5.66 4.39 -43.34
CA PRO B 108 -4.97 4.17 -44.62
C PRO B 108 -4.13 2.91 -44.57
N GLY B 109 -4.34 2.01 -45.53
CA GLY B 109 -3.54 0.81 -45.65
C GLY B 109 -3.88 -0.32 -44.69
N ALA B 110 -4.85 -0.10 -43.80
CA ALA B 110 -5.20 -1.11 -42.83
C ALA B 110 -6.09 -2.18 -43.45
N THR B 111 -6.14 -3.32 -42.79
CA THR B 111 -6.99 -4.43 -43.20
C THR B 111 -8.13 -4.55 -42.18
N TYR B 112 -9.37 -4.55 -42.65
CA TYR B 112 -10.52 -4.73 -41.75
C TYR B 112 -10.45 -6.05 -40.99
N VAL B 113 -10.68 -6.00 -39.67
CA VAL B 113 -10.53 -7.19 -38.86
C VAL B 113 -11.74 -8.15 -38.98
N GLY B 114 -12.83 -7.66 -39.56
CA GLY B 114 -14.00 -8.50 -39.79
C GLY B 114 -15.15 -8.33 -38.80
N PHE B 115 -14.98 -7.42 -37.85
CA PHE B 115 -16.05 -7.06 -36.92
C PHE B 115 -15.84 -5.62 -36.44
N GLY B 116 -16.89 -5.00 -35.91
CA GLY B 116 -16.84 -3.61 -35.52
C GLY B 116 -16.29 -3.41 -34.11
N GLY B 117 -16.13 -2.15 -33.71
CA GLY B 117 -15.46 -1.85 -32.45
C GLY B 117 -16.34 -1.46 -31.28
N THR B 118 -17.66 -1.54 -31.42
CA THR B 118 -18.57 -1.20 -30.33
C THR B 118 -18.80 -2.40 -29.41
N TYR B 119 -19.25 -2.18 -28.19
CA TYR B 119 -19.53 -3.32 -27.31
C TYR B 119 -20.65 -4.19 -27.89
N ARG B 120 -21.59 -3.57 -28.61
CA ARG B 120 -22.60 -4.35 -29.32
C ARG B 120 -21.94 -5.37 -30.27
N ASP B 121 -20.98 -4.89 -31.07
CA ASP B 121 -20.25 -5.78 -31.98
C ASP B 121 -19.43 -6.86 -31.27
N LEU B 122 -18.75 -6.48 -30.18
CA LEU B 122 -17.81 -7.39 -29.53
C LEU B 122 -18.49 -8.35 -28.57
N LEU B 123 -19.55 -7.90 -27.92
CA LEU B 123 -20.20 -8.67 -26.85
C LEU B 123 -21.61 -9.13 -27.23
N GLY B 124 -22.35 -8.26 -27.91
CA GLY B 124 -23.75 -8.50 -28.21
C GLY B 124 -24.67 -7.41 -27.65
N ASP B 125 -24.26 -6.81 -26.53
CA ASP B 125 -25.05 -5.79 -25.84
C ASP B 125 -24.13 -5.18 -24.78
N THR B 126 -24.21 -3.86 -24.59
CA THR B 126 -23.37 -3.18 -23.60
C THR B 126 -23.60 -3.66 -22.17
N ASP B 127 -24.47 -4.66 -22.01
CA ASP B 127 -24.86 -5.16 -20.70
C ASP B 127 -23.98 -6.32 -20.17
N LYS B 128 -23.27 -7.02 -21.05
CA LYS B 128 -22.39 -8.11 -20.59
C LYS B 128 -20.98 -7.66 -20.28
N LEU B 129 -20.76 -6.35 -20.12
CA LEU B 129 -19.46 -5.86 -19.66
C LEU B 129 -19.14 -6.48 -18.30
N THR B 130 -20.18 -6.74 -17.52
CA THR B 130 -20.02 -7.32 -16.17
C THR B 130 -19.62 -8.80 -16.19
N ASN B 131 -19.56 -9.40 -17.38
CA ASN B 131 -19.12 -10.78 -17.51
C ASN B 131 -17.65 -10.93 -17.94
N VAL B 132 -17.02 -9.82 -18.28
CA VAL B 132 -15.65 -9.84 -18.81
C VAL B 132 -14.61 -9.96 -17.68
N ALA B 133 -13.85 -11.06 -17.68
CA ALA B 133 -12.83 -11.24 -16.65
C ALA B 133 -11.67 -10.28 -16.90
N LEU B 134 -11.25 -9.57 -15.87
CA LEU B 134 -10.13 -8.64 -15.95
C LEU B 134 -9.03 -9.18 -15.05
N GLY B 135 -7.79 -9.03 -15.46
CA GLY B 135 -6.68 -9.54 -14.67
C GLY B 135 -5.43 -9.69 -15.52
N ARG B 136 -4.33 -10.05 -14.87
CA ARG B 136 -3.04 -10.06 -15.56
C ARG B 136 -2.98 -11.09 -16.67
N GLN B 137 -3.40 -12.32 -16.40
CA GLN B 137 -3.34 -13.36 -17.44
C GLN B 137 -4.31 -13.04 -18.57
N GLN B 138 -5.47 -12.46 -18.25
CA GLN B 138 -6.42 -12.07 -19.27
C GLN B 138 -5.81 -11.04 -20.21
N LEU B 139 -5.07 -10.08 -19.62
CA LEU B 139 -4.39 -9.08 -20.41
C LEU B 139 -3.30 -9.71 -21.29
N ALA B 140 -2.50 -10.59 -20.70
CA ALA B 140 -1.44 -11.26 -21.45
C ALA B 140 -2.01 -12.07 -22.61
N ASP B 141 -3.09 -12.81 -22.34
CA ASP B 141 -3.66 -13.68 -23.37
C ASP B 141 -4.27 -12.85 -24.50
N ALA B 142 -4.87 -11.72 -24.17
CA ALA B 142 -5.45 -10.85 -25.17
C ALA B 142 -4.38 -10.26 -26.09
N VAL B 143 -3.28 -9.80 -25.49
CA VAL B 143 -2.18 -9.27 -26.27
C VAL B 143 -1.64 -10.35 -27.21
N THR B 144 -1.41 -11.53 -26.65
CA THR B 144 -0.92 -12.68 -27.42
C THR B 144 -1.84 -13.00 -28.59
N ALA B 145 -3.15 -13.02 -28.33
CA ALA B 145 -4.13 -13.36 -29.35
C ALA B 145 -4.12 -12.38 -30.52
N LEU B 146 -4.11 -11.09 -30.20
CA LEU B 146 -4.16 -10.06 -31.24
C LEU B 146 -2.80 -9.87 -31.93
N HIS B 147 -1.73 -10.04 -31.17
CA HIS B 147 -0.39 -9.84 -31.73
C HIS B 147 -0.01 -10.99 -32.66
N GLY B 148 -0.48 -12.19 -32.35
CA GLY B 148 -0.14 -13.37 -33.13
C GLY B 148 -1.03 -13.58 -34.35
N ARG B 149 -1.96 -12.65 -34.55
CA ARG B 149 -2.89 -12.75 -35.67
C ARG B 149 -2.15 -12.61 -37.01
N THR B 150 -2.46 -13.48 -37.96
CA THR B 150 -1.82 -13.40 -39.27
C THR B 150 -2.83 -13.11 -40.38
N LYS B 151 -2.43 -12.22 -41.28
CA LYS B 151 -3.24 -11.88 -42.44
C LYS B 151 -3.43 -13.12 -43.31
N ALA B 152 -2.37 -13.88 -43.45
CA ALA B 152 -2.36 -15.10 -44.25
C ALA B 152 -3.40 -16.14 -43.82
N ASP B 153 -3.62 -16.26 -42.50
CA ASP B 153 -4.41 -17.38 -41.97
C ASP B 153 -5.82 -17.53 -42.52
N LYS B 154 -6.31 -18.78 -42.50
CA LYS B 154 -7.69 -19.07 -42.82
C LYS B 154 -8.57 -18.52 -41.70
N PRO B 155 -9.38 -17.48 -42.01
CA PRO B 155 -10.23 -16.87 -40.98
C PRO B 155 -11.35 -17.81 -40.54
N SER B 156 -11.51 -17.97 -39.23
CA SER B 156 -12.50 -18.90 -38.70
C SER B 156 -13.34 -18.22 -37.62
N GLY B 157 -14.55 -18.75 -37.43
CA GLY B 157 -15.44 -18.31 -36.36
C GLY B 157 -14.80 -18.25 -34.99
N PRO B 158 -14.24 -19.38 -34.51
CA PRO B 158 -13.56 -19.42 -33.21
C PRO B 158 -12.45 -18.37 -33.06
N LYS B 159 -11.61 -18.20 -34.08
CA LYS B 159 -10.53 -17.21 -34.01
C LYS B 159 -11.08 -15.78 -33.94
N GLN B 160 -12.13 -15.52 -34.71
CA GLN B 160 -12.76 -14.20 -34.73
C GLN B 160 -13.40 -13.89 -33.39
N GLN B 161 -13.98 -14.90 -32.77
CA GLN B 161 -14.57 -14.74 -31.45
C GLN B 161 -13.51 -14.51 -30.38
N GLN B 162 -12.39 -15.23 -30.47
CA GLN B 162 -11.27 -15.00 -29.57
C GLN B 162 -10.75 -13.57 -29.73
N ALA B 163 -10.73 -13.10 -30.97
CA ALA B 163 -10.27 -11.75 -31.25
C ALA B 163 -11.20 -10.70 -30.63
N ARG B 164 -12.51 -10.92 -30.72
CA ARG B 164 -13.49 -10.05 -30.07
C ARG B 164 -13.28 -9.98 -28.56
N GLU B 165 -13.07 -11.13 -27.93
CA GLU B 165 -12.88 -11.15 -26.48
C GLU B 165 -11.58 -10.45 -26.09
N ALA B 166 -10.57 -10.60 -26.94
CA ALA B 166 -9.28 -9.94 -26.72
C ALA B 166 -9.41 -8.43 -26.80
N VAL B 167 -10.08 -7.94 -27.84
CA VAL B 167 -10.31 -6.51 -28.00
C VAL B 167 -11.09 -5.97 -26.80
N THR B 168 -12.11 -6.70 -26.36
CA THR B 168 -12.91 -6.29 -25.21
C THR B 168 -12.08 -6.17 -23.94
N THR B 169 -11.18 -7.13 -23.74
CA THR B 169 -10.31 -7.16 -22.57
C THR B 169 -9.42 -5.93 -22.56
N LEU B 170 -8.89 -5.55 -23.71
CA LEU B 170 -8.04 -4.37 -23.82
C LEU B 170 -8.84 -3.09 -23.65
N LEU B 171 -10.04 -3.03 -24.22
CA LEU B 171 -10.88 -1.84 -24.07
C LEU B 171 -11.13 -1.52 -22.61
N LEU B 172 -11.38 -2.55 -21.80
CA LEU B 172 -11.62 -2.33 -20.38
C LEU B 172 -10.34 -1.97 -19.65
N MET B 173 -9.24 -2.65 -19.95
CA MET B 173 -8.04 -2.49 -19.12
C MET B 173 -7.18 -1.34 -19.59
N VAL B 174 -7.42 -0.86 -20.81
CA VAL B 174 -6.70 0.30 -21.31
C VAL B 174 -7.59 1.53 -21.46
N ASN B 175 -8.55 1.48 -22.38
CA ASN B 175 -9.35 2.65 -22.70
C ASN B 175 -10.28 3.04 -21.57
N GLU B 176 -11.04 2.09 -21.03
CA GLU B 176 -11.96 2.44 -19.93
C GLU B 176 -11.20 2.83 -18.68
N ALA B 177 -10.08 2.19 -18.45
CA ALA B 177 -9.25 2.51 -17.28
C ALA B 177 -8.70 3.92 -17.42
N THR B 178 -8.35 4.34 -18.62
CA THR B 178 -7.91 5.72 -18.82
C THR B 178 -9.05 6.67 -18.46
N ARG B 179 -10.26 6.32 -18.89
CA ARG B 179 -11.41 7.22 -18.71
C ARG B 179 -11.85 7.33 -17.26
N PHE B 180 -11.72 6.23 -16.52
CA PHE B 180 -12.31 6.12 -15.18
C PHE B 180 -11.35 5.69 -14.09
N GLN B 181 -11.23 6.50 -13.05
CA GLN B 181 -10.41 6.13 -11.90
C GLN B 181 -10.95 4.90 -11.18
N THR B 182 -12.26 4.70 -11.29
CA THR B 182 -12.88 3.53 -10.69
C THR B 182 -12.37 2.26 -11.39
N VAL B 183 -12.37 2.28 -12.71
CA VAL B 183 -11.93 1.13 -13.48
C VAL B 183 -10.40 0.92 -13.34
N SER B 184 -9.62 1.99 -13.45
CA SER B 184 -8.16 1.85 -13.36
C SER B 184 -7.78 1.34 -11.98
N GLY B 185 -8.50 1.81 -10.96
CA GLY B 185 -8.23 1.38 -9.60
C GLY B 185 -8.62 -0.06 -9.40
N PHE B 186 -9.74 -0.47 -9.99
CA PHE B 186 -10.18 -1.85 -9.93
C PHE B 186 -9.17 -2.78 -10.60
N VAL B 187 -8.70 -2.42 -11.79
CA VAL B 187 -7.71 -3.24 -12.47
C VAL B 187 -6.39 -3.26 -11.71
N ALA B 188 -5.95 -2.11 -11.23
CA ALA B 188 -4.68 -2.03 -10.51
C ALA B 188 -4.71 -2.96 -9.31
N GLY B 189 -5.88 -3.05 -8.67
CA GLY B 189 -6.07 -3.87 -7.49
C GLY B 189 -6.03 -5.38 -7.76
N LEU B 190 -6.10 -5.75 -9.04
CA LEU B 190 -6.04 -7.16 -9.43
C LEU B 190 -4.64 -7.60 -9.85
N LEU B 191 -3.73 -6.64 -9.99
CA LEU B 191 -2.37 -6.93 -10.41
C LEU B 191 -1.47 -7.09 -9.19
N HIS B 192 -0.85 -8.25 -9.04
CA HIS B 192 -0.03 -8.53 -7.87
C HIS B 192 1.34 -9.08 -8.27
N PRO B 193 2.31 -9.09 -7.33
CA PRO B 193 3.63 -9.68 -7.59
C PRO B 193 3.55 -11.19 -7.83
N LYS B 194 4.65 -11.77 -8.32
CA LYS B 194 4.69 -13.21 -8.61
C LYS B 194 4.44 -14.11 -7.39
N ALA B 195 4.74 -13.61 -6.19
CA ALA B 195 4.52 -14.41 -4.98
C ALA B 195 3.04 -14.57 -4.61
N VAL B 196 2.17 -13.84 -5.31
CA VAL B 196 0.74 -13.85 -5.02
C VAL B 196 0.03 -14.65 -6.11
N ALA B 197 -1.02 -15.39 -5.73
CA ALA B 197 -1.76 -16.21 -6.70
C ALA B 197 -2.29 -15.37 -7.84
N ALA B 198 -2.43 -16.00 -9.01
CA ALA B 198 -3.07 -15.34 -10.14
C ALA B 198 -4.47 -14.92 -9.71
N ALA B 199 -4.88 -13.74 -10.16
CA ALA B 199 -6.11 -13.12 -9.69
C ALA B 199 -6.90 -12.57 -10.86
N SER B 200 -8.22 -12.54 -10.72
CA SER B 200 -9.07 -11.87 -11.70
C SER B 200 -10.40 -11.49 -11.05
N GLY B 201 -11.12 -10.59 -11.68
CA GLY B 201 -12.39 -10.13 -11.14
C GLY B 201 -13.19 -9.46 -12.24
N LYS B 202 -14.45 -9.17 -11.96
CA LYS B 202 -15.30 -8.54 -12.96
C LYS B 202 -15.90 -7.28 -12.36
N ILE B 203 -16.16 -6.28 -13.19
CA ILE B 203 -16.70 -5.02 -12.68
C ILE B 203 -18.15 -5.19 -12.26
N GLY B 204 -18.59 -4.36 -11.32
CA GLY B 204 -19.97 -4.36 -10.91
C GLY B 204 -20.82 -3.43 -11.75
N ASN B 205 -22.08 -3.26 -11.34
CA ASN B 205 -23.01 -2.47 -12.15
C ASN B 205 -22.76 -0.97 -12.17
N GLU B 206 -22.18 -0.44 -11.11
CA GLU B 206 -21.84 0.99 -11.06
C GLU B 206 -20.81 1.33 -12.12
N MET B 207 -19.76 0.51 -12.24
CA MET B 207 -18.73 0.75 -13.25
C MET B 207 -19.26 0.49 -14.64
N LYS B 208 -20.19 -0.46 -14.75
CA LYS B 208 -20.80 -0.71 -16.04
C LYS B 208 -21.58 0.51 -16.49
N ALA B 209 -22.29 1.15 -15.56
CA ALA B 209 -23.08 2.35 -15.88
C ALA B 209 -22.19 3.55 -16.20
N GLN B 210 -21.11 3.69 -15.43
CA GLN B 210 -20.11 4.72 -15.70
C GLN B 210 -19.58 4.59 -17.13
N VAL B 211 -19.11 3.39 -17.47
CA VAL B 211 -18.54 3.13 -18.78
C VAL B 211 -19.53 3.48 -19.89
N ASN B 212 -20.78 3.05 -19.70
CA ASN B 212 -21.83 3.30 -20.68
C ASN B 212 -22.37 4.73 -20.68
N GLY B 213 -21.93 5.54 -19.71
CA GLY B 213 -22.38 6.92 -19.64
C GLY B 213 -21.26 7.94 -19.46
N TRP B 214 -20.12 7.69 -20.08
CA TRP B 214 -18.95 8.58 -19.96
C TRP B 214 -19.30 10.02 -20.35
N GLN B 215 -20.04 10.19 -21.45
CA GLN B 215 -20.44 11.53 -21.88
C GLN B 215 -21.37 12.17 -20.85
N ASP B 216 -22.35 11.42 -20.36
CA ASP B 216 -23.28 11.92 -19.36
C ASP B 216 -22.58 12.38 -18.09
N LEU B 217 -21.65 11.57 -17.60
CA LEU B 217 -20.94 11.91 -16.38
C LEU B 217 -20.01 13.09 -16.60
N SER B 218 -19.34 13.12 -17.75
CA SER B 218 -18.48 14.25 -18.08
C SER B 218 -19.30 15.53 -18.10
N ALA B 219 -20.44 15.48 -18.77
CA ALA B 219 -21.30 16.66 -18.88
C ALA B 219 -21.83 17.10 -17.53
N ALA B 220 -22.19 16.12 -16.70
CA ALA B 220 -22.76 16.40 -15.40
C ALA B 220 -21.80 17.20 -14.53
N LEU B 221 -20.51 16.87 -14.61
CA LEU B 221 -19.50 17.59 -13.83
C LEU B 221 -19.17 18.96 -14.44
N LEU B 222 -19.14 19.03 -15.76
CA LEU B 222 -18.82 20.27 -16.48
C LEU B 222 -19.84 21.37 -16.18
N LYS B 223 -21.11 20.99 -16.03
CA LYS B 223 -22.16 21.95 -15.72
C LYS B 223 -21.94 22.65 -14.38
N THR B 224 -21.29 21.98 -13.45
CA THR B 224 -21.04 22.56 -12.14
C THR B 224 -19.94 23.61 -12.17
N ASP B 225 -19.20 23.67 -13.27
CA ASP B 225 -18.15 24.67 -13.43
C ASP B 225 -18.69 25.97 -14.01
N VAL B 226 -19.88 25.92 -14.59
CA VAL B 226 -20.44 27.11 -15.23
C VAL B 226 -20.79 28.18 -14.20
N LYS B 227 -20.20 29.36 -14.38
CA LYS B 227 -20.46 30.49 -13.51
C LYS B 227 -21.89 30.96 -13.70
N PRO B 228 -22.65 31.08 -12.60
CA PRO B 228 -24.04 31.52 -12.66
C PRO B 228 -24.09 33.05 -12.74
N PRO B 229 -25.28 33.64 -12.93
CA PRO B 229 -25.35 35.10 -12.81
C PRO B 229 -25.04 35.52 -11.37
N PRO B 230 -24.51 36.73 -11.19
CA PRO B 230 -24.26 37.29 -9.85
C PRO B 230 -25.52 37.24 -8.97
N GLY B 231 -26.68 37.12 -9.60
CA GLY B 231 -27.92 36.92 -8.88
C GLY B 231 -28.40 35.48 -8.86
N LYS B 232 -27.49 34.53 -8.68
CA LYS B 232 -27.87 33.13 -8.52
C LYS B 232 -26.87 32.24 -7.78
N SER B 233 -27.31 31.02 -7.47
CA SER B 233 -26.50 30.01 -6.80
C SER B 233 -25.77 29.15 -7.81
N PRO B 234 -24.54 28.71 -7.47
CA PRO B 234 -23.78 27.77 -8.30
C PRO B 234 -24.61 26.54 -8.64
N ALA B 235 -24.55 26.08 -9.88
CA ALA B 235 -25.28 24.88 -10.27
C ALA B 235 -24.84 23.72 -9.40
N LYS B 236 -25.79 22.88 -8.99
CA LYS B 236 -25.44 21.73 -8.17
C LYS B 236 -25.45 20.45 -8.99
N PHE B 237 -24.57 19.52 -8.63
CA PHE B 237 -24.45 18.27 -9.33
C PHE B 237 -25.75 17.48 -9.26
N ALA B 238 -26.26 17.07 -10.42
CA ALA B 238 -27.42 16.19 -10.49
C ALA B 238 -26.95 14.75 -10.40
N PRO B 239 -27.40 14.03 -9.37
CA PRO B 239 -26.96 12.66 -9.08
C PRO B 239 -27.22 11.70 -10.23
N ILE B 240 -26.36 10.71 -10.39
CA ILE B 240 -26.59 9.62 -11.32
C ILE B 240 -26.46 8.34 -10.50
N GLU B 241 -27.56 7.93 -9.89
CA GLU B 241 -27.52 6.85 -8.90
C GLU B 241 -27.06 5.52 -9.48
N LYS B 242 -27.34 5.30 -10.76
CA LYS B 242 -26.96 4.05 -11.40
C LYS B 242 -25.43 3.90 -11.41
N MET B 243 -24.73 5.03 -11.39
CA MET B 243 -23.27 5.03 -11.42
C MET B 243 -22.68 5.06 -10.03
N GLY B 244 -23.55 5.17 -9.02
CA GLY B 244 -23.10 5.34 -7.66
C GLY B 244 -22.53 6.71 -7.38
N VAL B 245 -22.83 7.66 -8.25
CA VAL B 245 -22.30 9.02 -8.15
C VAL B 245 -23.37 10.03 -7.75
N ARG B 246 -23.29 10.50 -6.51
CA ARG B 246 -24.30 11.43 -6.00
C ARG B 246 -23.83 12.87 -5.92
N THR B 247 -22.52 13.08 -5.79
CA THR B 247 -21.95 14.41 -5.61
C THR B 247 -20.90 14.74 -6.69
N ALA B 248 -20.52 16.01 -6.80
CA ALA B 248 -19.48 16.40 -7.76
C ALA B 248 -18.11 15.85 -7.35
N VAL B 249 -17.89 15.74 -6.04
CA VAL B 249 -16.63 15.19 -5.53
C VAL B 249 -16.50 13.73 -5.94
N GLN B 250 -17.60 12.99 -5.82
CA GLN B 250 -17.64 11.59 -6.24
C GLN B 250 -17.46 11.50 -7.76
N ALA B 251 -18.01 12.47 -8.48
CA ALA B 251 -17.88 12.48 -9.94
C ALA B 251 -16.42 12.69 -10.30
N ALA B 252 -15.77 13.62 -9.61
CA ALA B 252 -14.37 13.91 -9.88
C ALA B 252 -13.49 12.71 -9.54
N ASN B 253 -13.78 12.05 -8.42
CA ASN B 253 -13.01 10.89 -8.01
C ASN B 253 -13.25 9.70 -8.94
N THR B 254 -14.34 9.76 -9.68
CA THR B 254 -14.69 8.69 -10.62
C THR B 254 -14.04 8.89 -11.99
N LEU B 255 -14.04 10.13 -12.47
CA LEU B 255 -13.53 10.42 -13.82
C LEU B 255 -12.01 10.48 -13.87
N GLY B 256 -11.41 9.63 -14.72
CA GLY B 256 -9.98 9.71 -14.97
C GLY B 256 -9.67 10.89 -15.90
N ILE B 257 -10.43 10.97 -16.98
CA ILE B 257 -10.36 12.12 -17.89
C ILE B 257 -11.73 12.33 -18.51
N LEU B 258 -12.13 13.59 -18.63
CA LEU B 258 -13.46 13.92 -19.13
C LEU B 258 -13.49 13.96 -20.65
N LEU B 259 -14.59 13.50 -21.23
CA LEU B 259 -14.84 13.73 -22.65
C LEU B 259 -15.22 15.20 -22.73
N PHE B 260 -14.80 15.90 -23.77
CA PHE B 260 -15.29 17.27 -23.92
C PHE B 260 -16.77 17.20 -24.30
N VAL B 261 -17.59 17.99 -23.62
CA VAL B 261 -19.01 18.11 -23.93
C VAL B 261 -19.40 19.58 -23.90
N GLU B 262 -20.10 20.04 -24.93
CA GLU B 262 -20.65 21.40 -24.91
C GLU B 262 -21.84 21.44 -23.97
N VAL B 263 -21.73 22.23 -22.90
CA VAL B 263 -22.86 22.41 -21.97
C VAL B 263 -23.26 23.89 -21.96
N PRO B 264 -24.55 24.17 -21.72
CA PRO B 264 -25.04 25.55 -21.69
C PRO B 264 -24.22 26.41 -20.72
N GLY B 265 -23.66 27.52 -21.21
CA GLY B 265 -22.84 28.39 -20.39
C GLY B 265 -21.39 27.98 -20.34
N GLY B 266 -21.09 26.81 -20.91
CA GLY B 266 -19.74 26.28 -20.87
C GLY B 266 -18.95 26.61 -22.13
N LEU B 267 -17.74 26.06 -22.24
CA LEU B 267 -16.91 26.28 -23.42
C LEU B 267 -17.56 25.69 -24.66
N THR B 268 -17.36 26.33 -25.82
CA THR B 268 -17.77 25.74 -27.08
C THR B 268 -16.62 24.91 -27.62
N VAL B 269 -16.92 24.05 -28.58
CA VAL B 269 -15.89 23.31 -29.32
C VAL B 269 -14.78 24.25 -29.82
N ALA B 270 -15.17 25.31 -30.52
CA ALA B 270 -14.18 26.22 -31.10
C ALA B 270 -13.34 26.90 -30.03
N LYS B 271 -13.99 27.41 -28.98
CA LYS B 271 -13.30 28.12 -27.92
C LYS B 271 -12.32 27.22 -27.14
N ALA B 272 -12.75 26.00 -26.83
CA ALA B 272 -11.86 25.09 -26.12
C ALA B 272 -10.66 24.71 -26.99
N LEU B 273 -10.86 24.59 -28.30
CA LEU B 273 -9.73 24.28 -29.18
C LEU B 273 -8.77 25.47 -29.31
N GLU B 274 -9.30 26.68 -29.26
CA GLU B 274 -8.48 27.89 -29.25
C GLU B 274 -7.58 27.90 -28.03
N LEU B 275 -8.18 27.62 -26.87
CA LEU B 275 -7.43 27.60 -25.61
C LEU B 275 -6.41 26.46 -25.61
N PHE B 276 -6.82 25.32 -26.16
CA PHE B 276 -5.93 24.15 -26.31
C PHE B 276 -4.67 24.53 -27.07
N HIS B 277 -4.83 25.23 -28.19
CA HIS B 277 -3.66 25.59 -28.99
C HIS B 277 -2.80 26.64 -28.31
N ALA B 278 -3.44 27.65 -27.72
CA ALA B 278 -2.72 28.73 -27.07
C ALA B 278 -1.91 28.22 -25.89
N SER B 279 -2.38 27.13 -25.28
CA SER B 279 -1.67 26.57 -24.14
C SER B 279 -0.67 25.45 -24.52
N GLY B 280 -0.36 25.33 -25.82
CA GLY B 280 0.66 24.39 -26.26
C GLY B 280 0.13 23.05 -26.71
N GLY B 281 -1.19 22.90 -26.70
CA GLY B 281 -1.79 21.64 -27.10
C GLY B 281 -1.58 21.31 -28.56
N LYS B 282 -1.30 20.03 -28.84
CA LYS B 282 -1.18 19.59 -30.23
C LYS B 282 -2.00 18.31 -30.44
N LYS C 5 10.43 46.94 -4.38
CA LYS C 5 11.31 45.88 -3.90
C LYS C 5 10.58 44.95 -2.94
N MET C 6 9.50 45.44 -2.33
CA MET C 6 8.71 44.63 -1.42
C MET C 6 7.83 43.69 -2.22
N ALA C 7 7.53 42.52 -1.65
CA ALA C 7 6.66 41.55 -2.28
C ALA C 7 5.25 42.12 -2.41
N LYS C 8 4.48 41.60 -3.37
CA LYS C 8 3.10 42.03 -3.59
C LYS C 8 2.21 40.81 -3.41
N ASN C 9 0.97 41.03 -2.97
CA ASN C 9 -0.05 39.98 -2.94
C ASN C 9 0.22 38.87 -1.92
N VAL C 10 1.08 39.16 -0.95
CA VAL C 10 1.35 38.21 0.12
C VAL C 10 0.08 37.88 0.89
N ASP C 11 -0.80 38.87 1.00
CA ASP C 11 -2.08 38.67 1.69
C ASP C 11 -3.23 38.33 0.73
N LYS C 12 -2.88 38.05 -0.53
CA LYS C 12 -3.84 37.59 -1.53
C LYS C 12 -3.42 36.23 -2.06
N PRO C 13 -3.56 35.18 -1.23
CA PRO C 13 -3.06 33.85 -1.57
C PRO C 13 -3.76 33.27 -2.79
N LEU C 14 -2.99 32.66 -3.69
CA LEU C 14 -3.59 32.02 -4.86
C LEU C 14 -4.46 30.85 -4.44
N PHE C 15 -4.08 30.18 -3.36
CA PHE C 15 -4.86 29.13 -2.72
C PHE C 15 -4.41 28.93 -1.28
N THR C 16 -5.20 28.20 -0.52
CA THR C 16 -4.83 27.86 0.85
C THR C 16 -4.92 26.37 1.04
N ALA C 17 -3.83 25.78 1.52
CA ALA C 17 -3.79 24.36 1.86
C ALA C 17 -3.79 24.21 3.37
N THR C 18 -4.60 23.29 3.89
CA THR C 18 -4.74 23.14 5.33
C THR C 18 -4.45 21.72 5.81
N PHE C 19 -3.73 21.59 6.92
CA PHE C 19 -3.48 20.30 7.52
C PHE C 19 -3.67 20.34 9.03
N ASN C 20 -4.39 19.34 9.55
CA ASN C 20 -4.50 19.12 10.99
C ASN C 20 -3.34 18.25 11.44
N VAL C 21 -2.49 18.76 12.34
CA VAL C 21 -1.27 18.05 12.69
C VAL C 21 -1.55 16.72 13.38
N GLN C 22 -2.78 16.52 13.84
CA GLN C 22 -3.14 15.25 14.45
C GLN C 22 -3.75 14.26 13.44
N ALA C 23 -3.87 14.68 12.17
CA ALA C 23 -4.55 13.85 11.18
C ALA C 23 -3.71 12.67 10.68
N SER C 24 -4.33 11.78 9.91
CA SER C 24 -3.68 10.53 9.49
C SER C 24 -2.62 10.75 8.41
N SER C 25 -1.78 9.73 8.21
CA SER C 25 -0.77 9.78 7.16
C SER C 25 -1.40 9.90 5.78
N ALA C 26 -2.57 9.29 5.58
CA ALA C 26 -3.27 9.45 4.31
C ALA C 26 -3.73 10.89 4.09
N ASP C 27 -4.22 11.53 5.14
CA ASP C 27 -4.63 12.92 4.99
C ASP C 27 -3.41 13.83 4.74
N TYR C 28 -2.28 13.50 5.37
CA TYR C 28 -1.05 14.24 5.10
C TYR C 28 -0.67 14.12 3.63
N ALA C 29 -0.67 12.89 3.12
CA ALA C 29 -0.36 12.66 1.71
C ALA C 29 -1.29 13.45 0.77
N THR C 30 -2.59 13.47 1.10
CA THR C 30 -3.56 14.21 0.30
C THR C 30 -3.27 15.71 0.36
N PHE C 31 -2.88 16.18 1.55
CA PHE C 31 -2.51 17.56 1.77
C PHE C 31 -1.34 17.96 0.87
N ILE C 32 -0.27 17.17 0.89
CA ILE C 32 0.94 17.46 0.11
C ILE C 32 0.64 17.39 -1.39
N ALA C 33 -0.07 16.33 -1.79
CA ALA C 33 -0.51 16.19 -3.17
C ALA C 33 -1.29 17.40 -3.65
N GLY C 34 -2.15 17.94 -2.80
CA GLY C 34 -2.99 19.06 -3.20
C GLY C 34 -2.23 20.36 -3.39
N ILE C 35 -1.18 20.54 -2.60
CA ILE C 35 -0.30 21.69 -2.83
C ILE C 35 0.35 21.60 -4.20
N ARG C 36 0.94 20.45 -4.52
CA ARG C 36 1.59 20.29 -5.83
C ARG C 36 0.62 20.55 -6.97
N ASN C 37 -0.59 20.03 -6.85
CA ASN C 37 -1.56 20.15 -7.93
C ASN C 37 -1.97 21.60 -8.17
N LYS C 38 -2.04 22.39 -7.10
CA LYS C 38 -2.43 23.77 -7.29
C LYS C 38 -1.27 24.67 -7.69
N LEU C 39 -0.05 24.23 -7.41
CA LEU C 39 1.15 24.99 -7.80
C LEU C 39 1.52 24.81 -9.27
N ARG C 40 1.06 23.70 -9.85
CA ARG C 40 1.57 23.28 -11.14
C ARG C 40 1.26 24.23 -12.28
N ASN C 41 2.17 24.29 -13.25
CA ASN C 41 1.86 24.90 -14.54
C ASN C 41 1.11 23.83 -15.32
N PRO C 42 -0.20 24.03 -15.56
CA PRO C 42 -0.96 22.97 -16.23
C PRO C 42 -0.45 22.66 -17.64
N ALA C 43 0.27 23.60 -18.25
CA ALA C 43 0.76 23.40 -19.60
C ALA C 43 2.16 22.78 -19.67
N HIS C 44 2.76 22.52 -18.51
CA HIS C 44 4.12 21.97 -18.47
C HIS C 44 4.29 20.89 -17.43
N PHE C 45 4.35 19.63 -17.87
CA PHE C 45 4.70 18.50 -17.01
C PHE C 45 5.95 17.85 -17.59
N SER C 46 6.65 17.09 -16.75
CA SER C 46 7.83 16.36 -17.21
C SER C 46 7.75 14.97 -16.62
N HIS C 47 7.65 13.96 -17.48
CA HIS C 47 7.51 12.58 -17.01
C HIS C 47 6.32 12.46 -16.07
N ASN C 48 5.24 13.16 -16.43
CA ASN C 48 4.01 13.24 -15.65
C ASN C 48 4.20 13.78 -14.23
N ARG C 49 5.31 14.49 -14.01
CA ARG C 49 5.45 15.26 -12.77
C ARG C 49 5.17 16.72 -13.05
N PRO C 50 4.49 17.40 -12.12
CA PRO C 50 4.21 18.82 -12.34
C PRO C 50 5.48 19.67 -12.30
N VAL C 51 5.49 20.75 -13.09
CA VAL C 51 6.57 21.72 -13.07
C VAL C 51 5.97 23.05 -12.63
N LEU C 52 6.69 23.78 -11.81
CA LEU C 52 6.25 25.11 -11.42
C LEU C 52 6.32 26.03 -12.62
N PRO C 53 5.47 27.05 -12.65
CA PRO C 53 5.68 28.07 -13.66
C PRO C 53 6.99 28.78 -13.33
N PRO C 54 7.62 29.43 -14.32
CA PRO C 54 8.84 30.22 -14.06
C PRO C 54 8.56 31.39 -13.13
N VAL C 55 9.60 31.89 -12.48
CA VAL C 55 9.50 33.12 -11.72
C VAL C 55 9.27 34.28 -12.67
N GLU C 56 8.33 35.16 -12.35
CA GLU C 56 8.05 36.30 -13.23
C GLU C 56 9.23 37.26 -13.23
N PRO C 57 9.64 37.70 -14.44
CA PRO C 57 10.81 38.57 -14.55
C PRO C 57 10.46 40.04 -14.28
N ASN C 58 11.43 40.80 -13.80
CA ASN C 58 11.30 42.25 -13.69
C ASN C 58 10.21 42.74 -12.77
N VAL C 59 9.77 41.90 -11.83
CA VAL C 59 8.81 42.32 -10.83
C VAL C 59 9.17 41.63 -9.50
N PRO C 60 8.85 42.27 -8.37
CA PRO C 60 9.06 41.61 -7.07
C PRO C 60 8.20 40.35 -6.95
N PRO C 61 8.52 39.47 -5.98
CA PRO C 61 7.70 38.25 -5.82
C PRO C 61 6.24 38.60 -5.58
N SER C 62 5.38 38.22 -6.53
CA SER C 62 4.00 38.68 -6.51
C SER C 62 2.99 37.55 -6.55
N ARG C 63 3.49 36.32 -6.43
CA ARG C 63 2.62 35.13 -6.41
C ARG C 63 2.87 34.29 -5.15
N TRP C 64 1.84 34.17 -4.31
CA TRP C 64 1.96 33.50 -3.02
C TRP C 64 0.81 32.55 -2.75
N PHE C 65 1.05 31.56 -1.88
CA PHE C 65 -0.04 30.76 -1.34
C PHE C 65 0.10 30.63 0.18
N HIS C 66 -0.95 30.15 0.83
CA HIS C 66 -0.94 29.95 2.26
C HIS C 66 -1.05 28.47 2.60
N VAL C 67 -0.31 28.08 3.62
CA VAL C 67 -0.51 26.79 4.25
C VAL C 67 -0.97 27.07 5.66
N VAL C 68 -2.05 26.42 6.07
CA VAL C 68 -2.53 26.56 7.45
C VAL C 68 -2.36 25.26 8.20
N LEU C 69 -1.60 25.29 9.28
CA LEU C 69 -1.40 24.10 10.12
C LEU C 69 -2.15 24.25 11.43
N LYS C 70 -3.09 23.34 11.67
CA LYS C 70 -3.96 23.43 12.85
C LYS C 70 -3.57 22.40 13.92
N ALA C 71 -3.58 22.81 15.18
CA ALA C 71 -3.29 21.89 16.29
C ALA C 71 -4.38 20.84 16.42
N SER C 72 -5.59 21.19 15.98
CA SER C 72 -6.73 20.30 16.10
C SER C 72 -7.79 20.77 15.12
N PRO C 73 -8.76 19.91 14.79
CA PRO C 73 -9.82 20.29 13.85
C PRO C 73 -10.57 21.57 14.26
N THR C 74 -10.57 21.88 15.56
CA THR C 74 -11.33 22.99 16.10
C THR C 74 -10.50 24.27 16.25
N SER C 75 -9.18 24.13 16.21
CA SER C 75 -8.29 25.24 16.53
C SER C 75 -7.82 26.04 15.32
N ALA C 76 -7.78 27.37 15.47
CA ALA C 76 -7.24 28.23 14.43
C ALA C 76 -5.77 27.89 14.22
N GLY C 77 -5.33 27.93 12.96
CA GLY C 77 -4.01 27.43 12.63
C GLY C 77 -2.95 28.51 12.50
N LEU C 78 -1.70 28.05 12.46
CA LEU C 78 -0.58 28.87 12.04
C LEU C 78 -0.66 29.03 10.54
N THR C 79 -0.62 30.28 10.04
CA THR C 79 -0.63 30.50 8.60
C THR C 79 0.80 30.71 8.11
N LEU C 80 1.16 30.03 7.02
CA LEU C 80 2.49 30.21 6.41
C LEU C 80 2.32 30.91 5.09
N ALA C 81 3.18 31.90 4.81
CA ALA C 81 3.16 32.58 3.51
C ALA C 81 4.33 32.05 2.68
N ILE C 82 4.01 31.40 1.57
CA ILE C 82 5.01 30.70 0.78
C ILE C 82 4.93 31.18 -0.67
N ARG C 83 6.08 31.37 -1.30
CA ARG C 83 6.07 31.81 -2.71
C ARG C 83 5.54 30.70 -3.59
N ALA C 84 4.73 31.05 -4.59
CA ALA C 84 4.10 30.04 -5.45
C ALA C 84 4.92 29.78 -6.70
N ASP C 85 6.09 30.43 -6.80
CA ASP C 85 6.99 30.18 -7.93
C ASP C 85 8.18 29.28 -7.56
N ASN C 86 8.64 29.32 -6.31
CA ASN C 86 9.76 28.47 -5.90
C ASN C 86 9.55 27.80 -4.55
N ILE C 87 8.33 27.93 -4.02
CA ILE C 87 7.91 27.28 -2.78
C ILE C 87 8.79 27.70 -1.59
N TYR C 88 9.26 28.94 -1.62
N TYR C 88 9.22 28.95 -1.61
CA TYR C 88 10.05 29.45 -0.51
CA TYR C 88 10.06 29.48 -0.53
C TYR C 88 9.18 30.08 0.57
C TYR C 88 9.21 30.11 0.58
N LEU C 89 9.37 29.60 1.80
CA LEU C 89 8.66 30.14 2.95
C LEU C 89 9.31 31.45 3.34
N GLU C 90 8.51 32.50 3.48
CA GLU C 90 9.06 33.81 3.86
C GLU C 90 8.37 34.43 5.05
N GLY C 91 7.19 33.92 5.41
CA GLY C 91 6.47 34.49 6.53
C GLY C 91 5.51 33.55 7.22
N PHE C 92 5.17 33.87 8.46
CA PHE C 92 4.15 33.13 9.19
C PHE C 92 3.39 34.06 10.12
N LYS C 93 2.13 33.72 10.41
CA LYS C 93 1.22 34.61 11.13
C LYS C 93 0.89 34.01 12.48
N SER C 94 1.24 34.68 13.57
CA SER C 94 0.94 34.17 14.90
C SER C 94 -0.51 34.43 15.30
N SER C 95 -0.95 33.88 16.43
CA SER C 95 -2.35 33.99 16.83
C SER C 95 -2.80 35.43 17.02
N ASP C 96 -1.89 36.28 17.50
CA ASP C 96 -2.19 37.68 17.73
C ASP C 96 -2.34 38.48 16.43
N GLY C 97 -2.08 37.82 15.30
CA GLY C 97 -2.29 38.43 14.00
C GLY C 97 -1.02 38.99 13.39
N THR C 98 0.07 38.94 14.13
CA THR C 98 1.33 39.53 13.66
C THR C 98 1.90 38.68 12.52
N TRP C 99 2.25 39.31 11.42
CA TRP C 99 3.01 38.62 10.38
C TRP C 99 4.50 38.75 10.65
N TRP C 100 5.16 37.62 10.84
CA TRP C 100 6.60 37.55 11.02
C TRP C 100 7.23 37.16 9.70
N GLU C 101 8.41 37.68 9.41
CA GLU C 101 9.08 37.39 8.14
C GLU C 101 10.52 36.94 8.32
N LEU C 102 11.00 36.16 7.35
CA LEU C 102 12.33 35.56 7.38
C LEU C 102 13.33 36.38 6.58
N THR C 103 12.82 37.42 5.91
CA THR C 103 13.63 38.32 5.10
C THR C 103 13.23 39.74 5.45
N PRO C 104 14.19 40.56 5.92
CA PRO C 104 13.86 41.93 6.33
C PRO C 104 13.29 42.74 5.18
N GLY C 105 12.21 43.47 5.44
CA GLY C 105 11.67 44.40 4.49
C GLY C 105 10.97 43.81 3.27
N LEU C 106 10.70 42.51 3.29
CA LEU C 106 10.12 41.84 2.13
C LEU C 106 8.60 41.91 2.09
N ILE C 107 7.99 41.55 3.21
CA ILE C 107 6.53 41.49 3.30
C ILE C 107 5.99 42.77 3.94
N PRO C 108 5.12 43.48 3.21
CA PRO C 108 4.55 44.73 3.72
C PRO C 108 3.91 44.54 5.09
N GLY C 109 4.32 45.38 6.04
CA GLY C 109 3.73 45.35 7.38
C GLY C 109 4.26 44.26 8.29
N ALA C 110 5.13 43.41 7.77
CA ALA C 110 5.64 42.29 8.56
C ALA C 110 6.75 42.71 9.52
N THR C 111 6.99 41.86 10.53
CA THR C 111 8.04 42.07 11.49
C THR C 111 9.11 41.01 11.28
N TYR C 112 10.36 41.43 11.08
CA TYR C 112 11.46 40.48 10.92
C TYR C 112 11.59 39.61 12.18
N VAL C 113 11.66 38.29 12.00
CA VAL C 113 11.67 37.35 13.13
C VAL C 113 13.01 37.34 13.87
N GLY C 114 14.06 37.89 13.27
CA GLY C 114 15.34 37.97 13.97
C GLY C 114 16.41 37.03 13.43
N PHE C 115 16.02 36.19 12.48
CA PHE C 115 16.97 35.31 11.81
C PHE C 115 16.47 35.09 10.39
N GLY C 116 17.35 34.68 9.50
CA GLY C 116 17.00 34.51 8.10
C GLY C 116 16.36 33.16 7.81
N GLY C 117 15.96 32.95 6.56
CA GLY C 117 15.26 31.76 6.18
C GLY C 117 16.05 30.66 5.46
N THR C 118 17.35 30.84 5.22
CA THR C 118 18.16 29.76 4.62
C THR C 118 18.54 28.72 5.67
N TYR C 119 18.92 27.52 5.24
CA TYR C 119 19.32 26.52 6.21
C TYR C 119 20.58 26.94 6.96
N ARG C 120 21.45 27.69 6.31
CA ARG C 120 22.65 28.13 7.01
C ARG C 120 22.28 29.17 8.08
N ASP C 121 21.29 30.01 7.78
CA ASP C 121 20.72 30.89 8.80
C ASP C 121 20.12 30.11 9.97
N LEU C 122 19.34 29.08 9.62
CA LEU C 122 18.56 28.36 10.62
C LEU C 122 19.40 27.38 11.45
N LEU C 123 20.35 26.71 10.80
CA LEU C 123 21.09 25.62 11.42
C LEU C 123 22.55 25.95 11.70
N GLY C 124 23.19 26.62 10.74
CA GLY C 124 24.62 26.82 10.74
C GLY C 124 25.22 26.38 9.42
N ASP C 125 24.60 25.37 8.79
CA ASP C 125 25.10 24.81 7.53
C ASP C 125 24.07 23.82 6.94
N THR C 126 23.95 23.81 5.61
CA THR C 126 23.02 22.91 4.92
C THR C 126 23.39 21.43 5.10
N ASP C 127 24.56 21.15 5.64
CA ASP C 127 24.97 19.77 5.84
C ASP C 127 24.44 19.17 7.15
N LYS C 128 23.80 19.99 7.99
CA LYS C 128 23.26 19.50 9.25
C LYS C 128 21.78 19.19 9.17
N LEU C 129 21.21 19.17 7.98
CA LEU C 129 19.81 18.81 7.80
C LEU C 129 19.51 17.40 8.34
N THR C 130 20.54 16.55 8.34
CA THR C 130 20.40 15.15 8.77
C THR C 130 20.35 15.05 10.29
N ASN C 131 20.48 16.18 10.98
CA ASN C 131 20.39 16.19 12.44
C ASN C 131 19.02 16.64 12.95
N VAL C 132 18.13 16.98 12.02
CA VAL C 132 16.83 17.54 12.38
C VAL C 132 15.80 16.45 12.56
N ALA C 133 15.34 16.24 13.80
CA ALA C 133 14.29 15.27 14.07
C ALA C 133 12.95 15.71 13.47
N LEU C 134 12.32 14.81 12.71
CA LEU C 134 10.97 15.05 12.21
C LEU C 134 10.01 14.03 12.82
N GLY C 135 8.72 14.37 12.83
CA GLY C 135 7.73 13.48 13.43
C GLY C 135 6.53 14.28 13.87
N ARG C 136 5.50 13.60 14.33
CA ARG C 136 4.25 14.28 14.65
C ARG C 136 4.40 15.28 15.80
N GLN C 137 5.06 14.87 16.86
CA GLN C 137 5.26 15.77 17.99
C GLN C 137 6.11 16.98 17.61
N GLN C 138 7.11 16.76 16.76
CA GLN C 138 7.95 17.87 16.30
C GLN C 138 7.14 18.88 15.51
N LEU C 139 6.21 18.37 14.70
CA LEU C 139 5.36 19.23 13.90
C LEU C 139 4.42 20.02 14.82
N ALA C 140 3.80 19.33 15.77
CA ALA C 140 2.89 19.97 16.71
C ALA C 140 3.61 21.06 17.50
N ASP C 141 4.81 20.72 17.99
CA ASP C 141 5.59 21.65 18.79
C ASP C 141 6.06 22.84 17.97
N ALA C 142 6.36 22.61 16.71
CA ALA C 142 6.76 23.70 15.83
C ALA C 142 5.59 24.66 15.58
N VAL C 143 4.40 24.11 15.34
CA VAL C 143 3.22 24.93 15.17
C VAL C 143 2.96 25.75 16.43
N THR C 144 3.02 25.10 17.58
CA THR C 144 2.77 25.76 18.86
C THR C 144 3.75 26.92 19.13
N ALA C 145 5.03 26.66 18.91
CA ALA C 145 6.05 27.68 19.11
C ALA C 145 5.83 28.92 18.24
N LEU C 146 5.56 28.71 16.96
CA LEU C 146 5.44 29.83 16.04
C LEU C 146 4.09 30.54 16.20
N HIS C 147 3.03 29.76 16.44
CA HIS C 147 1.70 30.34 16.51
C HIS C 147 1.55 31.21 17.77
N GLY C 148 2.28 30.85 18.82
CA GLY C 148 2.15 31.52 20.10
C GLY C 148 3.05 32.74 20.29
N ARG C 149 3.80 33.07 19.24
CA ARG C 149 4.72 34.19 19.28
C ARG C 149 3.96 35.53 19.41
N THR C 150 4.51 36.46 20.17
CA THR C 150 3.88 37.78 20.32
C THR C 150 4.92 38.88 20.11
N LYS C 151 4.49 40.02 19.60
CA LYS C 151 5.43 41.10 19.31
C LYS C 151 6.02 41.69 20.60
N ALA C 152 5.34 41.43 21.72
CA ALA C 152 5.84 41.89 23.00
C ALA C 152 6.83 40.90 23.58
N ASP C 153 6.93 39.71 22.97
CA ASP C 153 7.85 38.69 23.46
C ASP C 153 9.28 39.19 23.51
N LYS C 154 9.97 38.84 24.58
CA LYS C 154 11.38 39.12 24.73
C LYS C 154 12.14 38.04 24.00
N PRO C 155 12.79 38.40 22.88
CA PRO C 155 13.64 37.37 22.28
C PRO C 155 14.72 37.03 23.29
N SER C 156 15.00 35.74 23.43
CA SER C 156 16.06 35.28 24.30
C SER C 156 16.82 34.29 23.48
N GLY C 157 17.96 33.83 23.99
CA GLY C 157 18.66 32.71 23.39
C GLY C 157 17.74 31.53 23.13
N PRO C 158 17.09 31.01 24.19
CA PRO C 158 16.20 29.84 24.04
C PRO C 158 15.01 30.06 23.10
N LYS C 159 14.38 31.22 23.15
CA LYS C 159 13.21 31.47 22.31
C LYS C 159 13.59 31.58 20.84
N GLN C 160 14.71 32.22 20.55
CA GLN C 160 15.19 32.34 19.16
C GLN C 160 15.58 30.96 18.62
N GLN C 161 16.27 30.18 19.43
CA GLN C 161 16.65 28.82 19.03
C GLN C 161 15.41 27.96 18.78
N GLN C 162 14.45 28.02 19.71
CA GLN C 162 13.18 27.30 19.53
C GLN C 162 12.53 27.70 18.22
N ALA C 163 12.47 29.01 17.96
CA ALA C 163 11.88 29.52 16.74
C ALA C 163 12.59 29.01 15.48
N ARG C 164 13.92 29.01 15.50
CA ARG C 164 14.71 28.52 14.35
C ARG C 164 14.46 27.03 14.10
N GLU C 165 14.43 26.25 15.18
CA GLU C 165 14.17 24.82 15.03
C GLU C 165 12.76 24.58 14.50
N ALA C 166 11.79 25.36 14.97
CA ALA C 166 10.40 25.21 14.50
C ALA C 166 10.30 25.52 13.01
N VAL C 167 10.94 26.60 12.58
CA VAL C 167 10.94 26.92 11.16
C VAL C 167 11.58 25.79 10.35
N THR C 168 12.71 25.28 10.82
CA THR C 168 13.40 24.19 10.11
C THR C 168 12.51 22.96 10.01
N THR C 169 11.80 22.63 11.09
CA THR C 169 10.91 21.48 11.07
C THR C 169 9.84 21.62 10.01
N LEU C 170 9.21 22.79 9.94
CA LEU C 170 8.17 23.01 8.94
C LEU C 170 8.71 23.02 7.50
N LEU C 171 9.89 23.60 7.32
CA LEU C 171 10.50 23.62 5.98
C LEU C 171 10.63 22.19 5.45
N LEU C 172 11.07 21.27 6.31
CA LEU C 172 11.24 19.87 5.89
C LEU C 172 9.89 19.18 5.70
N MET C 173 8.98 19.36 6.65
CA MET C 173 7.72 18.62 6.62
C MET C 173 6.64 19.22 5.71
N VAL C 174 6.83 20.48 5.31
CA VAL C 174 5.91 21.12 4.37
C VAL C 174 6.57 21.43 3.01
N ASN C 175 7.59 22.28 3.01
CA ASN C 175 8.15 22.73 1.73
C ASN C 175 8.94 21.64 1.01
N GLU C 176 9.88 21.00 1.71
CA GLU C 176 10.66 19.91 1.10
C GLU C 176 9.79 18.71 0.74
N ALA C 177 8.81 18.41 1.58
CA ALA C 177 7.84 17.34 1.26
C ALA C 177 7.04 17.65 -0.01
N THR C 178 6.71 18.92 -0.21
CA THR C 178 6.02 19.32 -1.42
C THR C 178 6.91 19.08 -2.62
N ARG C 179 8.18 19.48 -2.51
CA ARG C 179 9.15 19.33 -3.61
C ARG C 179 9.51 17.89 -3.95
N PHE C 180 9.57 17.01 -2.95
CA PHE C 180 10.10 15.65 -3.15
C PHE C 180 9.19 14.55 -2.69
N GLN C 181 8.92 13.59 -3.57
CA GLN C 181 8.16 12.39 -3.15
C GLN C 181 8.87 11.54 -2.12
N THR C 182 10.21 11.54 -2.18
CA THR C 182 10.99 10.84 -1.17
C THR C 182 10.73 11.43 0.21
N VAL C 183 10.76 12.76 0.31
CA VAL C 183 10.55 13.43 1.58
C VAL C 183 9.09 13.31 2.07
N SER C 184 8.12 13.54 1.19
CA SER C 184 6.73 13.44 1.64
C SER C 184 6.43 12.00 2.08
N GLY C 185 7.02 11.02 1.40
CA GLY C 185 6.82 9.62 1.74
C GLY C 185 7.48 9.28 3.08
N PHE C 186 8.61 9.91 3.34
CA PHE C 186 9.34 9.72 4.59
C PHE C 186 8.54 10.27 5.77
N VAL C 187 8.05 11.48 5.60
CA VAL C 187 7.26 12.14 6.64
C VAL C 187 5.96 11.41 6.88
N ALA C 188 5.26 11.07 5.80
CA ALA C 188 4.02 10.32 5.90
C ALA C 188 4.26 9.03 6.68
N GLY C 189 5.44 8.44 6.47
CA GLY C 189 5.83 7.23 7.15
C GLY C 189 6.00 7.37 8.65
N LEU C 190 6.14 8.60 9.12
CA LEU C 190 6.34 8.86 10.55
C LEU C 190 5.03 9.15 11.29
N LEU C 191 3.94 9.24 10.53
CA LEU C 191 2.66 9.64 11.09
C LEU C 191 1.80 8.41 11.31
N HIS C 192 1.47 8.15 12.58
CA HIS C 192 0.76 6.92 12.92
C HIS C 192 -0.43 7.22 13.82
N PRO C 193 -1.38 6.28 13.91
CA PRO C 193 -2.49 6.41 14.87
C PRO C 193 -1.99 6.43 16.32
N LYS C 194 -2.87 6.76 17.25
CA LYS C 194 -2.51 6.90 18.65
C LYS C 194 -2.06 5.60 19.29
N ALA C 195 -2.52 4.48 18.76
CA ALA C 195 -2.15 3.17 19.30
C ALA C 195 -0.69 2.78 18.99
N VAL C 196 -0.01 3.56 18.15
CA VAL C 196 1.37 3.28 17.79
C VAL C 196 2.32 4.13 18.63
N ALA C 197 3.46 3.58 19.02
CA ALA C 197 4.43 4.35 19.78
C ALA C 197 4.86 5.63 19.07
N ALA C 198 5.18 6.67 19.84
CA ALA C 198 5.70 7.90 19.27
C ALA C 198 6.97 7.59 18.50
N ALA C 199 7.14 8.26 17.36
CA ALA C 199 8.23 7.97 16.44
C ALA C 199 8.80 9.28 15.91
N SER C 200 10.11 9.30 15.72
CA SER C 200 10.75 10.44 15.07
C SER C 200 11.90 9.93 14.22
N GLY C 201 12.24 10.67 13.18
CA GLY C 201 13.30 10.24 12.30
C GLY C 201 13.98 11.42 11.62
N LYS C 202 15.19 11.19 11.14
CA LYS C 202 15.95 12.22 10.48
C LYS C 202 16.25 11.76 9.07
N ILE C 203 16.27 12.70 8.13
CA ILE C 203 16.48 12.34 6.73
C ILE C 203 17.89 11.79 6.52
N GLY C 204 18.03 10.88 5.56
CA GLY C 204 19.33 10.28 5.21
C GLY C 204 20.11 11.09 4.19
N ASN C 205 21.25 10.56 3.75
CA ASN C 205 22.16 11.36 2.92
C ASN C 205 21.67 11.60 1.50
N GLU C 206 20.97 10.62 0.92
CA GLU C 206 20.37 10.81 -0.40
C GLU C 206 19.32 11.91 -0.34
N MET C 207 18.49 11.87 0.70
CA MET C 207 17.44 12.87 0.84
C MET C 207 18.07 14.26 1.07
N LYS C 208 19.14 14.30 1.87
CA LYS C 208 19.81 15.56 2.09
C LYS C 208 20.33 16.13 0.77
N ALA C 209 20.91 15.26 -0.07
CA ALA C 209 21.44 15.75 -1.35
C ALA C 209 20.35 16.21 -2.30
N GLN C 210 19.22 15.51 -2.27
CA GLN C 210 18.07 15.91 -3.07
C GLN C 210 17.60 17.30 -2.65
N VAL C 211 17.34 17.47 -1.37
CA VAL C 211 16.93 18.77 -0.84
C VAL C 211 17.88 19.90 -1.26
N ASN C 212 19.18 19.60 -1.22
CA ASN C 212 20.19 20.60 -1.48
C ASN C 212 20.46 20.81 -2.96
N GLY C 213 19.80 20.03 -3.83
CA GLY C 213 20.00 20.12 -5.26
C GLY C 213 18.72 20.04 -6.06
N TRP C 214 17.65 20.64 -5.53
CA TRP C 214 16.33 20.63 -6.19
C TRP C 214 16.40 21.21 -7.61
N GLN C 215 17.13 22.30 -7.78
CA GLN C 215 17.29 22.86 -9.14
C GLN C 215 18.06 21.91 -10.06
N ASP C 216 19.16 21.33 -9.56
CA ASP C 216 19.96 20.40 -10.37
C ASP C 216 19.14 19.22 -10.85
N LEU C 217 18.37 18.63 -9.95
CA LEU C 217 17.58 17.45 -10.27
C LEU C 217 16.45 17.81 -11.22
N SER C 218 15.81 18.96 -10.97
CA SER C 218 14.74 19.43 -11.85
C SER C 218 15.31 19.65 -13.24
N ALA C 219 16.46 20.29 -13.30
CA ALA C 219 17.09 20.59 -14.60
C ALA C 219 17.49 19.28 -15.30
N ALA C 220 17.96 18.31 -14.53
CA ALA C 220 18.45 17.06 -15.12
C ALA C 220 17.33 16.32 -15.82
N LEU C 221 16.15 16.32 -15.20
CA LEU C 221 14.99 15.67 -15.79
C LEU C 221 14.45 16.46 -16.98
N LEU C 222 14.41 17.79 -16.86
CA LEU C 222 13.91 18.65 -17.94
C LEU C 222 14.75 18.51 -19.22
N LYS C 223 16.07 18.32 -19.08
CA LYS C 223 16.93 18.12 -20.25
C LYS C 223 16.51 16.88 -21.06
N THR C 224 15.98 15.86 -20.40
CA THR C 224 15.58 14.65 -21.13
C THR C 224 14.33 14.87 -21.99
N ASP C 225 13.65 15.98 -21.79
CA ASP C 225 12.44 16.29 -22.58
C ASP C 225 12.77 17.01 -23.89
N VAL C 226 14.00 17.53 -23.98
CA VAL C 226 14.40 18.33 -25.15
C VAL C 226 14.53 17.44 -26.39
N LYS C 227 13.83 17.79 -27.46
CA LYS C 227 13.98 17.06 -28.73
C LYS C 227 15.34 17.41 -29.32
N PRO C 228 16.07 16.40 -29.78
CA PRO C 228 17.40 16.63 -30.36
C PRO C 228 17.31 17.06 -31.83
N PRO C 229 18.35 17.76 -32.34
CA PRO C 229 18.43 18.06 -33.77
C PRO C 229 18.43 16.75 -34.55
N PRO C 230 17.91 16.76 -35.80
CA PRO C 230 17.86 15.50 -36.55
C PRO C 230 19.27 14.97 -36.83
N GLY C 231 19.43 13.65 -36.85
CA GLY C 231 20.73 13.05 -37.03
C GLY C 231 21.45 12.78 -35.72
N LYS C 232 21.19 13.63 -34.73
CA LYS C 232 21.80 13.48 -33.41
C LYS C 232 20.87 12.74 -32.43
N SER C 233 21.48 11.97 -31.53
CA SER C 233 20.74 11.09 -30.62
C SER C 233 20.05 11.84 -29.47
N PRO C 234 18.93 11.29 -28.95
CA PRO C 234 18.21 11.88 -27.82
C PRO C 234 19.09 12.03 -26.57
N ALA C 235 18.78 13.01 -25.73
CA ALA C 235 19.51 13.22 -24.49
C ALA C 235 19.14 12.15 -23.46
N LYS C 236 20.14 11.55 -22.84
CA LYS C 236 19.87 10.61 -21.75
C LYS C 236 20.14 11.29 -20.40
N PHE C 237 19.45 10.82 -19.37
CA PHE C 237 19.57 11.38 -18.03
C PHE C 237 20.99 11.28 -17.51
N ALA C 238 21.52 12.39 -17.00
CA ALA C 238 22.80 12.39 -16.32
C ALA C 238 22.59 12.08 -14.85
N PRO C 239 23.11 10.95 -14.39
CA PRO C 239 22.85 10.49 -13.02
C PRO C 239 23.38 11.45 -11.97
N ILE C 240 22.70 11.51 -10.83
CA ILE C 240 23.20 12.23 -9.68
C ILE C 240 23.31 11.20 -8.57
N GLU C 241 24.50 10.60 -8.46
CA GLU C 241 24.68 9.46 -7.57
C GLU C 241 24.46 9.78 -6.10
N LYS C 242 24.86 10.97 -5.67
CA LYS C 242 24.70 11.34 -4.26
C LYS C 242 23.22 11.37 -3.85
N MET C 243 22.32 11.56 -4.81
CA MET C 243 20.87 11.57 -4.54
C MET C 243 20.27 10.19 -4.66
N GLY C 244 21.11 9.22 -5.06
CA GLY C 244 20.62 7.89 -5.36
C GLY C 244 19.74 7.84 -6.61
N VAL C 245 19.93 8.81 -7.52
CA VAL C 245 19.09 8.92 -8.71
C VAL C 245 19.91 8.69 -9.98
N ARG C 246 19.77 7.53 -10.60
CA ARG C 246 20.58 7.22 -11.79
C ARG C 246 19.82 7.37 -13.09
N THR C 247 18.50 7.25 -13.04
CA THR C 247 17.71 7.20 -14.25
C THR C 247 16.62 8.26 -14.23
N ALA C 248 16.09 8.56 -15.42
CA ALA C 248 14.99 9.52 -15.54
C ALA C 248 13.78 9.07 -14.74
N VAL C 249 13.52 7.76 -14.70
CA VAL C 249 12.36 7.27 -14.00
C VAL C 249 12.52 7.45 -12.49
N GLN C 250 13.72 7.18 -11.99
CA GLN C 250 14.04 7.45 -10.58
C GLN C 250 13.90 8.94 -10.28
N ALA C 251 14.38 9.78 -11.21
CA ALA C 251 14.24 11.22 -11.04
C ALA C 251 12.77 11.63 -10.93
N ALA C 252 11.93 11.06 -11.79
CA ALA C 252 10.50 11.37 -11.79
C ALA C 252 9.82 10.89 -10.51
N ASN C 253 10.18 9.70 -10.06
CA ASN C 253 9.60 9.17 -8.83
C ASN C 253 10.11 9.90 -7.58
N THR C 254 11.22 10.60 -7.73
CA THR C 254 11.79 11.35 -6.61
C THR C 254 11.18 12.74 -6.52
N LEU C 255 11.00 13.40 -7.67
CA LEU C 255 10.49 14.76 -7.75
C LEU C 255 8.99 14.85 -7.48
N GLY C 256 8.62 15.61 -6.43
CA GLY C 256 7.23 15.94 -6.19
C GLY C 256 6.71 16.98 -7.17
N ILE C 257 7.44 18.09 -7.27
CA ILE C 257 7.16 19.11 -8.28
C ILE C 257 8.48 19.75 -8.66
N LEU C 258 8.67 19.98 -9.97
CA LEU C 258 9.94 20.53 -10.43
C LEU C 258 10.03 22.04 -10.30
N LEU C 259 11.20 22.54 -9.92
CA LEU C 259 11.48 23.96 -10.07
C LEU C 259 11.61 24.25 -11.57
N PHE C 260 11.05 25.34 -12.06
CA PHE C 260 11.28 25.64 -13.47
C PHE C 260 12.75 25.99 -13.70
N VAL C 261 13.38 25.34 -14.67
CA VAL C 261 14.75 25.70 -15.04
C VAL C 261 14.81 25.89 -16.54
N GLU C 262 15.49 26.94 -16.98
CA GLU C 262 15.74 27.09 -18.41
C GLU C 262 16.88 26.16 -18.80
N VAL C 263 16.58 25.15 -19.62
CA VAL C 263 17.65 24.28 -20.13
C VAL C 263 17.84 24.50 -21.63
N PRO C 264 19.07 24.29 -22.13
CA PRO C 264 19.31 24.57 -23.55
C PRO C 264 18.34 23.80 -24.45
N GLY C 265 17.65 24.51 -25.32
CA GLY C 265 16.67 23.87 -26.20
C GLY C 265 15.33 23.59 -25.53
N GLY C 266 15.20 23.95 -24.25
CA GLY C 266 13.95 23.76 -23.54
C GLY C 266 13.10 25.00 -23.58
N LEU C 267 11.98 25.00 -22.86
CA LEU C 267 11.14 26.20 -22.74
C LEU C 267 11.94 27.33 -22.12
N THR C 268 11.73 28.56 -22.62
CA THR C 268 12.29 29.75 -21.97
C THR C 268 11.35 30.19 -20.88
N VAL C 269 11.84 31.04 -19.99
CA VAL C 269 10.98 31.68 -19.00
C VAL C 269 9.75 32.30 -19.66
N ALA C 270 9.96 33.07 -20.74
CA ALA C 270 8.84 33.77 -21.36
C ALA C 270 7.83 32.79 -21.92
N LYS C 271 8.31 31.75 -22.57
CA LYS C 271 7.41 30.84 -23.28
C LYS C 271 6.62 29.99 -22.27
N ALA C 272 7.28 29.53 -21.22
CA ALA C 272 6.58 28.71 -20.23
C ALA C 272 5.52 29.51 -19.48
N LEU C 273 5.79 30.79 -19.22
CA LEU C 273 4.79 31.68 -18.62
C LEU C 273 3.63 31.98 -19.58
N GLU C 274 3.92 32.11 -20.87
CA GLU C 274 2.88 32.32 -21.86
C GLU C 274 1.93 31.13 -21.86
N LEU C 275 2.49 29.93 -21.83
CA LEU C 275 1.68 28.72 -21.82
C LEU C 275 0.90 28.63 -20.52
N PHE C 276 1.54 29.00 -19.42
CA PHE C 276 0.91 29.00 -18.11
C PHE C 276 -0.30 29.93 -18.14
N HIS C 277 -0.10 31.14 -18.68
CA HIS C 277 -1.18 32.13 -18.68
C HIS C 277 -2.32 31.71 -19.61
N ALA C 278 -1.97 31.11 -20.74
CA ALA C 278 -2.95 30.66 -21.71
C ALA C 278 -3.83 29.54 -21.17
N SER C 279 -3.27 28.77 -20.24
CA SER C 279 -3.98 27.65 -19.65
C SER C 279 -4.91 28.11 -18.52
N GLY C 280 -4.84 29.41 -18.20
CA GLY C 280 -5.69 29.97 -17.17
C GLY C 280 -4.91 30.18 -15.88
N GLY C 281 -3.60 30.02 -15.95
CA GLY C 281 -2.79 30.13 -14.74
C GLY C 281 -2.67 31.55 -14.24
N LYS C 282 -2.72 31.70 -12.91
CA LYS C 282 -2.47 32.98 -12.26
C LYS C 282 -1.41 32.82 -11.18
N LYS D 5 31.94 -25.98 28.06
CA LYS D 5 30.51 -25.82 27.84
C LYS D 5 30.26 -25.05 26.55
N MET D 6 30.68 -25.62 25.43
CA MET D 6 30.39 -25.05 24.12
C MET D 6 28.91 -25.20 23.80
N ALA D 7 28.43 -24.38 22.86
CA ALA D 7 27.06 -24.45 22.39
C ALA D 7 26.80 -25.78 21.68
N LYS D 8 25.55 -26.23 21.69
CA LYS D 8 25.13 -27.46 21.02
C LYS D 8 24.16 -27.14 19.90
N ASN D 9 24.17 -27.96 18.85
CA ASN D 9 23.23 -27.80 17.73
C ASN D 9 23.39 -26.54 16.87
N VAL D 10 24.54 -25.87 16.95
CA VAL D 10 24.77 -24.72 16.07
C VAL D 10 24.57 -25.09 14.61
N ASP D 11 24.96 -26.31 14.25
CA ASP D 11 24.83 -26.78 12.86
C ASP D 11 23.56 -27.61 12.66
N LYS D 12 22.72 -27.70 13.69
CA LYS D 12 21.42 -28.33 13.58
C LYS D 12 20.31 -27.33 13.93
N PRO D 13 20.11 -26.34 13.06
CA PRO D 13 19.16 -25.26 13.38
C PRO D 13 17.72 -25.75 13.43
N LEU D 14 16.91 -25.12 14.27
CA LEU D 14 15.51 -25.47 14.36
C LEU D 14 14.79 -25.12 13.07
N PHE D 15 15.26 -24.04 12.44
CA PHE D 15 14.77 -23.62 11.12
C PHE D 15 15.76 -22.68 10.45
N THR D 16 15.57 -22.46 9.15
CA THR D 16 16.37 -21.50 8.40
C THR D 16 15.41 -20.52 7.74
N ALA D 17 15.72 -19.23 7.85
CA ALA D 17 14.96 -18.21 7.16
C ALA D 17 15.87 -17.55 6.15
N THR D 18 15.39 -17.39 4.93
CA THR D 18 16.25 -16.87 3.85
C THR D 18 15.75 -15.56 3.26
N PHE D 19 16.65 -14.61 3.04
CA PHE D 19 16.27 -13.36 2.37
C PHE D 19 17.23 -12.99 1.26
N ASN D 20 16.65 -12.66 0.10
CA ASN D 20 17.40 -12.12 -1.03
C ASN D 20 17.48 -10.60 -0.86
N VAL D 21 18.68 -10.06 -0.72
CA VAL D 21 18.80 -8.64 -0.41
C VAL D 21 18.27 -7.72 -1.51
N GLN D 22 18.00 -8.27 -2.70
CA GLN D 22 17.42 -7.48 -3.78
C GLN D 22 15.89 -7.56 -3.81
N ALA D 23 15.32 -8.29 -2.85
CA ALA D 23 13.88 -8.55 -2.84
C ALA D 23 13.08 -7.36 -2.35
N SER D 24 11.76 -7.45 -2.47
CA SER D 24 10.90 -6.32 -2.16
C SER D 24 10.70 -6.10 -0.66
N SER D 25 10.17 -4.94 -0.33
CA SER D 25 9.77 -4.60 1.03
C SER D 25 8.77 -5.62 1.59
N ALA D 26 7.80 -6.01 0.78
CA ALA D 26 6.83 -7.02 1.20
C ALA D 26 7.51 -8.35 1.54
N ASP D 27 8.49 -8.76 0.73
CA ASP D 27 9.19 -10.02 0.98
C ASP D 27 10.05 -9.92 2.22
N TYR D 28 10.60 -8.74 2.48
CA TYR D 28 11.36 -8.54 3.72
C TYR D 28 10.47 -8.69 4.96
N ALA D 29 9.31 -8.03 4.92
CA ALA D 29 8.36 -8.14 6.04
C ALA D 29 7.95 -9.59 6.29
N THR D 30 7.70 -10.32 5.20
CA THR D 30 7.34 -11.73 5.30
C THR D 30 8.46 -12.53 5.97
N PHE D 31 9.68 -12.25 5.55
CA PHE D 31 10.88 -12.89 6.09
C PHE D 31 11.00 -12.65 7.60
N ILE D 32 10.88 -11.39 8.01
CA ILE D 32 10.94 -11.05 9.45
C ILE D 32 9.80 -11.69 10.25
N ALA D 33 8.58 -11.61 9.72
CA ALA D 33 7.41 -12.14 10.43
C ALA D 33 7.50 -13.66 10.61
N GLY D 34 8.07 -14.33 9.61
CA GLY D 34 8.24 -15.77 9.64
C GLY D 34 9.21 -16.23 10.70
N ILE D 35 10.26 -15.43 10.92
CA ILE D 35 11.22 -15.74 11.98
C ILE D 35 10.54 -15.64 13.32
N ARG D 36 9.82 -14.56 13.57
CA ARG D 36 9.18 -14.40 14.89
C ARG D 36 8.25 -15.55 15.18
N ASN D 37 7.49 -15.94 14.18
CA ASN D 37 6.52 -17.01 14.36
C ASN D 37 7.17 -18.35 14.75
N LYS D 38 8.29 -18.68 14.11
CA LYS D 38 8.95 -19.94 14.40
C LYS D 38 9.71 -19.92 15.72
N LEU D 39 9.96 -18.72 16.24
CA LEU D 39 10.65 -18.56 17.53
C LEU D 39 9.69 -18.57 18.71
N ARG D 40 8.40 -18.53 18.44
CA ARG D 40 7.41 -18.29 19.49
C ARG D 40 7.33 -19.45 20.47
N ASN D 41 6.99 -19.13 21.71
CA ASN D 41 6.48 -20.14 22.64
C ASN D 41 4.98 -20.22 22.39
N PRO D 42 4.50 -21.34 21.83
CA PRO D 42 3.08 -21.38 21.44
C PRO D 42 2.13 -21.15 22.60
N ALA D 43 2.57 -21.44 23.82
CA ALA D 43 1.70 -21.33 24.99
C ALA D 43 1.84 -19.98 25.69
N HIS D 44 2.68 -19.11 25.16
CA HIS D 44 2.92 -17.81 25.81
C HIS D 44 2.92 -16.66 24.81
N PHE D 45 1.78 -16.00 24.68
CA PHE D 45 1.66 -14.77 23.90
C PHE D 45 1.31 -13.67 24.91
N SER D 46 1.61 -12.42 24.56
CA SER D 46 1.24 -11.28 25.39
C SER D 46 0.66 -10.21 24.47
N HIS D 47 -0.61 -9.88 24.65
CA HIS D 47 -1.29 -8.90 23.81
C HIS D 47 -1.13 -9.20 22.32
N ASN D 48 -1.33 -10.47 21.97
CA ASN D 48 -1.18 -10.95 20.59
C ASN D 48 0.23 -10.90 20.03
N ARG D 49 1.22 -10.60 20.87
CA ARG D 49 2.61 -10.68 20.43
C ARG D 49 3.26 -11.97 20.96
N PRO D 50 4.09 -12.62 20.12
CA PRO D 50 4.73 -13.85 20.61
C PRO D 50 5.78 -13.56 21.68
N VAL D 51 5.92 -14.46 22.64
CA VAL D 51 7.02 -14.39 23.61
C VAL D 51 7.99 -15.53 23.33
N LEU D 52 9.29 -15.25 23.40
CA LEU D 52 10.26 -16.32 23.26
C LEU D 52 10.09 -17.30 24.43
N PRO D 53 10.48 -18.57 24.24
CA PRO D 53 10.56 -19.42 25.44
C PRO D 53 11.73 -18.93 26.28
N PRO D 54 11.75 -19.28 27.58
CA PRO D 54 12.89 -18.92 28.42
C PRO D 54 14.19 -19.55 27.92
N VAL D 55 15.33 -18.99 28.34
CA VAL D 55 16.60 -19.67 28.13
C VAL D 55 16.64 -20.91 28.99
N GLU D 56 17.08 -22.04 28.43
CA GLU D 56 17.18 -23.28 29.21
C GLU D 56 18.26 -23.17 30.28
N PRO D 57 17.88 -23.46 31.54
CA PRO D 57 18.85 -23.30 32.65
C PRO D 57 19.83 -24.45 32.73
N ASN D 58 21.05 -24.16 33.20
CA ASN D 58 22.04 -25.18 33.52
C ASN D 58 22.53 -26.03 32.36
N VAL D 59 22.38 -25.53 31.15
CA VAL D 59 22.95 -26.20 29.98
C VAL D 59 23.46 -25.09 29.06
N PRO D 60 24.45 -25.40 28.22
CA PRO D 60 24.88 -24.36 27.26
C PRO D 60 23.78 -24.08 26.23
N PRO D 61 23.89 -22.96 25.49
CA PRO D 61 22.88 -22.66 24.48
C PRO D 61 22.74 -23.77 23.44
N SER D 62 21.56 -24.39 23.39
CA SER D 62 21.36 -25.58 22.56
C SER D 62 20.21 -25.43 21.57
N ARG D 63 19.68 -24.21 21.46
CA ARG D 63 18.61 -23.92 20.50
C ARG D 63 19.03 -22.79 19.55
N TRP D 64 19.12 -23.12 18.27
CA TRP D 64 19.64 -22.18 17.29
C TRP D 64 18.76 -22.16 16.06
N PHE D 65 18.83 -21.06 15.32
CA PHE D 65 18.28 -21.04 13.97
C PHE D 65 19.27 -20.37 13.03
N HIS D 66 19.06 -20.54 11.74
CA HIS D 66 19.91 -19.91 10.74
C HIS D 66 19.15 -18.87 9.95
N VAL D 67 19.82 -17.78 9.64
CA VAL D 67 19.36 -16.85 8.62
C VAL D 67 20.35 -16.89 7.48
N VAL D 68 19.84 -17.04 6.26
CA VAL D 68 20.69 -16.97 5.09
C VAL D 68 20.37 -15.71 4.31
N LEU D 69 21.38 -14.87 4.08
CA LEU D 69 21.24 -13.65 3.28
C LEU D 69 21.96 -13.80 1.94
N LYS D 70 21.21 -13.67 0.84
CA LYS D 70 21.76 -13.87 -0.49
C LYS D 70 21.84 -12.56 -1.28
N ALA D 71 22.94 -12.36 -2.00
CA ALA D 71 23.12 -11.18 -2.85
C ALA D 71 22.10 -11.17 -3.98
N SER D 72 21.71 -12.37 -4.41
CA SER D 72 20.72 -12.54 -5.47
C SER D 72 20.15 -13.93 -5.35
N PRO D 73 19.01 -14.20 -6.02
CA PRO D 73 18.42 -15.53 -5.94
C PRO D 73 19.32 -16.69 -6.39
N THR D 74 20.39 -16.40 -7.13
CA THR D 74 21.33 -17.43 -7.56
C THR D 74 22.63 -17.48 -6.75
N SER D 75 22.86 -16.46 -5.91
CA SER D 75 24.12 -16.37 -5.20
C SER D 75 24.18 -17.28 -3.97
N ALA D 76 25.37 -17.81 -3.68
CA ALA D 76 25.57 -18.52 -2.42
C ALA D 76 25.42 -17.52 -1.29
N GLY D 77 24.65 -17.87 -0.27
CA GLY D 77 24.31 -16.93 0.77
C GLY D 77 25.24 -16.95 1.96
N LEU D 78 25.24 -15.84 2.70
CA LEU D 78 25.90 -15.74 3.99
C LEU D 78 24.99 -16.35 5.05
N THR D 79 25.52 -17.29 5.84
CA THR D 79 24.73 -17.95 6.88
C THR D 79 25.05 -17.33 8.24
N LEU D 80 24.01 -16.93 8.97
CA LEU D 80 24.18 -16.42 10.33
C LEU D 80 23.67 -17.46 11.30
N ALA D 81 24.41 -17.66 12.40
CA ALA D 81 23.95 -18.55 13.46
C ALA D 81 23.42 -17.71 14.63
N ILE D 82 22.13 -17.85 14.91
CA ILE D 82 21.47 -17.00 15.90
C ILE D 82 20.80 -17.86 16.96
N ARG D 83 20.97 -17.49 18.23
CA ARG D 83 20.31 -18.23 19.31
C ARG D 83 18.80 -18.10 19.23
N ALA D 84 18.08 -19.18 19.42
CA ALA D 84 16.63 -19.13 19.29
C ALA D 84 15.95 -18.75 20.61
N ASP D 85 16.73 -18.53 21.67
CA ASP D 85 16.15 -18.15 22.96
C ASP D 85 16.21 -16.64 23.23
N ASN D 86 17.24 -15.97 22.69
CA ASN D 86 17.38 -14.53 22.90
C ASN D 86 17.74 -13.77 21.62
N ILE D 87 17.78 -14.47 20.49
CA ILE D 87 18.04 -13.87 19.17
C ILE D 87 19.40 -13.17 19.11
N TYR D 88 20.36 -13.68 19.87
CA TYR D 88 21.73 -13.17 19.79
C TYR D 88 22.45 -13.80 18.62
N LEU D 89 23.04 -12.95 17.79
CA LEU D 89 23.89 -13.39 16.69
C LEU D 89 25.21 -13.85 17.28
N GLU D 90 25.62 -15.08 17.00
CA GLU D 90 26.91 -15.54 17.54
C GLU D 90 27.91 -16.01 16.50
N GLY D 91 27.45 -16.26 15.28
CA GLY D 91 28.35 -16.73 14.24
C GLY D 91 27.88 -16.38 12.84
N PHE D 92 28.81 -16.19 11.93
CA PHE D 92 28.50 -16.12 10.50
C PHE D 92 29.47 -16.99 9.73
N LYS D 93 29.00 -17.58 8.64
CA LYS D 93 29.80 -18.55 7.88
C LYS D 93 30.23 -17.94 6.56
N SER D 94 31.54 -17.70 6.41
CA SER D 94 32.05 -17.11 5.18
C SER D 94 32.12 -18.14 4.03
N SER D 95 32.45 -17.70 2.82
CA SER D 95 32.37 -18.59 1.66
C SER D 95 33.39 -19.73 1.71
N ASP D 96 34.50 -19.53 2.41
CA ASP D 96 35.49 -20.60 2.56
C ASP D 96 35.05 -21.67 3.56
N GLY D 97 33.85 -21.51 4.13
CA GLY D 97 33.29 -22.50 5.03
C GLY D 97 33.64 -22.26 6.49
N THR D 98 34.39 -21.19 6.76
CA THR D 98 34.74 -20.85 8.13
C THR D 98 33.55 -20.30 8.92
N TRP D 99 33.26 -20.89 10.08
CA TRP D 99 32.38 -20.25 11.05
C TRP D 99 33.17 -19.24 11.88
N TRP D 100 32.84 -17.97 11.71
CA TRP D 100 33.41 -16.90 12.53
C TRP D 100 32.48 -16.65 13.71
N GLU D 101 33.02 -16.67 14.93
CA GLU D 101 32.18 -16.55 16.12
C GLU D 101 32.38 -15.22 16.82
N LEU D 102 31.33 -14.72 17.46
CA LEU D 102 31.38 -13.43 18.18
C LEU D 102 31.66 -13.63 19.66
N THR D 103 31.68 -14.88 20.10
CA THR D 103 32.01 -15.21 21.49
C THR D 103 33.10 -16.26 21.47
N PRO D 104 34.28 -15.94 22.04
CA PRO D 104 35.41 -16.89 21.99
C PRO D 104 35.08 -18.21 22.66
N GLY D 105 35.31 -19.30 21.94
CA GLY D 105 35.13 -20.64 22.48
C GLY D 105 33.71 -21.15 22.58
N LEU D 106 32.76 -20.47 21.92
CA LEU D 106 31.36 -20.85 22.04
C LEU D 106 30.94 -21.88 21.00
N ILE D 107 31.36 -21.66 19.75
CA ILE D 107 30.94 -22.52 18.65
C ILE D 107 32.04 -23.53 18.29
N PRO D 108 31.70 -24.82 18.30
CA PRO D 108 32.67 -25.88 17.96
C PRO D 108 33.32 -25.67 16.59
N GLY D 109 34.65 -25.65 16.57
CA GLY D 109 35.40 -25.54 15.33
C GLY D 109 35.56 -24.11 14.83
N ALA D 110 34.83 -23.19 15.45
CA ALA D 110 34.78 -21.82 14.94
C ALA D 110 36.08 -21.04 15.15
N THR D 111 36.20 -19.94 14.43
CA THR D 111 37.32 -19.02 14.60
C THR D 111 36.79 -17.70 15.13
N TYR D 112 37.37 -17.23 16.24
CA TYR D 112 36.96 -15.95 16.80
C TYR D 112 37.20 -14.80 15.83
N VAL D 113 36.18 -13.95 15.65
CA VAL D 113 36.27 -12.86 14.68
C VAL D 113 37.12 -11.67 15.15
N GLY D 114 37.31 -11.55 16.46
CA GLY D 114 38.15 -10.48 17.00
C GLY D 114 37.40 -9.36 17.71
N PHE D 115 36.10 -9.56 17.90
CA PHE D 115 35.26 -8.61 18.64
C PHE D 115 33.96 -9.31 18.98
N GLY D 116 33.16 -8.74 19.89
CA GLY D 116 31.92 -9.35 20.32
C GLY D 116 30.71 -8.72 19.65
N GLY D 117 29.52 -9.24 19.96
CA GLY D 117 28.30 -8.74 19.36
C GLY D 117 27.63 -7.57 20.05
N THR D 118 28.24 -7.03 21.12
CA THR D 118 27.62 -5.88 21.78
C THR D 118 27.87 -4.63 20.98
N TYR D 119 26.97 -3.65 21.06
CA TYR D 119 27.20 -2.41 20.34
C TYR D 119 28.37 -1.65 20.95
N ARG D 120 28.69 -1.92 22.19
CA ARG D 120 29.90 -1.34 22.77
C ARG D 120 31.14 -1.80 21.98
N ASP D 121 31.23 -3.10 21.71
CA ASP D 121 32.33 -3.63 20.91
C ASP D 121 32.31 -3.10 19.48
N LEU D 122 31.12 -3.10 18.88
CA LEU D 122 30.98 -2.77 17.47
C LEU D 122 31.10 -1.29 17.15
N LEU D 123 30.53 -0.45 18.03
CA LEU D 123 30.47 1.00 17.76
C LEU D 123 31.28 1.83 18.76
N GLY D 124 31.67 1.24 19.88
CA GLY D 124 32.32 1.97 20.95
C GLY D 124 31.34 2.26 22.08
N ASP D 125 30.09 2.55 21.72
CA ASP D 125 29.08 2.99 22.67
C ASP D 125 27.68 2.67 22.13
N THR D 126 26.78 2.20 23.00
CA THR D 126 25.39 1.94 22.59
C THR D 126 24.65 3.18 22.12
N ASP D 127 25.15 4.36 22.49
CA ASP D 127 24.50 5.62 22.12
C ASP D 127 24.68 5.96 20.64
N LYS D 128 25.61 5.25 19.97
CA LYS D 128 25.92 5.56 18.58
C LYS D 128 25.06 4.82 17.55
N LEU D 129 24.05 4.09 18.02
CA LEU D 129 23.12 3.40 17.11
C LEU D 129 22.47 4.34 16.08
N THR D 130 22.28 5.60 16.49
CA THR D 130 21.65 6.60 15.64
C THR D 130 22.60 7.10 14.54
N ASN D 131 23.83 6.62 14.53
CA ASN D 131 24.80 6.99 13.48
C ASN D 131 24.88 5.99 12.34
N VAL D 132 24.24 4.85 12.52
CA VAL D 132 24.42 3.75 11.58
C VAL D 132 23.43 3.87 10.43
N ALA D 133 23.95 4.00 9.21
CA ALA D 133 23.08 4.07 8.05
C ALA D 133 22.58 2.68 7.69
N LEU D 134 21.27 2.57 7.48
CA LEU D 134 20.65 1.32 7.07
C LEU D 134 20.05 1.51 5.69
N GLY D 135 19.81 0.41 5.01
CA GLY D 135 19.26 0.51 3.66
C GLY D 135 19.69 -0.67 2.81
N ARG D 136 19.18 -0.73 1.59
CA ARG D 136 19.45 -1.89 0.75
C ARG D 136 20.93 -2.08 0.43
N GLN D 137 21.60 -1.01 0.02
CA GLN D 137 23.00 -1.12 -0.34
C GLN D 137 23.89 -1.45 0.86
N GLN D 138 23.53 -0.91 2.02
CA GLN D 138 24.26 -1.22 3.25
C GLN D 138 24.14 -2.70 3.58
N LEU D 139 22.94 -3.24 3.44
CA LEU D 139 22.71 -4.65 3.67
C LEU D 139 23.52 -5.47 2.66
N ALA D 140 23.43 -5.13 1.38
CA ALA D 140 24.17 -5.84 0.35
C ALA D 140 25.68 -5.82 0.62
N ASP D 141 26.19 -4.64 0.96
CA ASP D 141 27.61 -4.48 1.27
C ASP D 141 28.05 -5.27 2.51
N ALA D 142 27.20 -5.31 3.53
CA ALA D 142 27.51 -6.09 4.73
C ALA D 142 27.62 -7.55 4.38
N VAL D 143 26.66 -8.05 3.61
CA VAL D 143 26.67 -9.46 3.19
C VAL D 143 27.97 -9.80 2.47
N THR D 144 28.31 -9.00 1.47
CA THR D 144 29.53 -9.16 0.69
C THR D 144 30.77 -9.19 1.56
N ALA D 145 30.89 -8.21 2.44
CA ALA D 145 32.07 -8.10 3.30
C ALA D 145 32.26 -9.31 4.20
N LEU D 146 31.18 -9.79 4.81
CA LEU D 146 31.31 -10.90 5.74
C LEU D 146 31.46 -12.24 5.01
N HIS D 147 30.73 -12.40 3.91
CA HIS D 147 30.78 -13.64 3.16
C HIS D 147 32.14 -13.83 2.52
N GLY D 148 32.77 -12.72 2.16
CA GLY D 148 34.04 -12.76 1.46
C GLY D 148 35.23 -12.77 2.41
N ARG D 149 34.95 -12.81 3.71
CA ARG D 149 36.01 -12.75 4.73
C ARG D 149 36.93 -13.96 4.66
N THR D 150 38.23 -13.70 4.68
CA THR D 150 39.24 -14.76 4.69
C THR D 150 40.05 -14.64 5.98
N LYS D 151 40.76 -15.70 6.34
CA LYS D 151 41.52 -15.67 7.59
C LYS D 151 42.64 -14.62 7.64
N ALA D 152 43.21 -14.31 6.48
CA ALA D 152 44.24 -13.27 6.40
C ALA D 152 43.67 -11.88 6.69
N ASP D 153 42.35 -11.75 6.68
CA ASP D 153 41.68 -10.48 7.00
C ASP D 153 41.79 -10.08 8.47
N LYS D 154 41.90 -11.07 9.34
CA LYS D 154 41.91 -10.80 10.79
C LYS D 154 43.02 -9.83 11.28
N PRO D 155 44.28 -10.00 10.81
CA PRO D 155 45.33 -9.08 11.29
C PRO D 155 45.25 -7.66 10.73
N SER D 156 44.31 -7.38 9.84
CA SER D 156 44.19 -6.04 9.26
C SER D 156 43.20 -5.15 10.01
N GLY D 157 43.69 -4.02 10.50
CA GLY D 157 42.86 -2.99 11.11
C GLY D 157 41.63 -2.59 10.29
N PRO D 158 41.83 -2.21 9.02
CA PRO D 158 40.70 -1.82 8.16
C PRO D 158 39.68 -2.94 7.90
N LYS D 159 40.14 -4.18 7.76
CA LYS D 159 39.21 -5.28 7.52
C LYS D 159 38.40 -5.55 8.79
N GLN D 160 39.05 -5.47 9.94
CA GLN D 160 38.36 -5.64 11.20
C GLN D 160 37.29 -4.56 11.40
N GLN D 161 37.62 -3.33 11.01
CA GLN D 161 36.68 -2.22 11.12
C GLN D 161 35.51 -2.39 10.17
N GLN D 162 35.81 -2.82 8.94
CA GLN D 162 34.77 -3.12 7.97
C GLN D 162 33.84 -4.21 8.51
N ALA D 163 34.42 -5.21 9.14
CA ALA D 163 33.65 -6.33 9.69
C ALA D 163 32.72 -5.88 10.81
N ARG D 164 33.20 -5.03 11.70
CA ARG D 164 32.35 -4.50 12.78
C ARG D 164 31.17 -3.74 12.20
N GLU D 165 31.43 -2.92 11.19
CA GLU D 165 30.38 -2.14 10.56
C GLU D 165 29.36 -3.06 9.88
N ALA D 166 29.83 -4.12 9.25
CA ALA D 166 28.95 -5.08 8.58
C ALA D 166 28.11 -5.85 9.59
N VAL D 167 28.73 -6.33 10.66
CA VAL D 167 27.99 -7.02 11.71
C VAL D 167 26.92 -6.09 12.30
N THR D 168 27.28 -4.83 12.55
CA THR D 168 26.31 -3.85 13.03
C THR D 168 25.09 -3.72 12.12
N THR D 169 25.34 -3.62 10.81
CA THR D 169 24.26 -3.50 9.83
C THR D 169 23.32 -4.70 9.91
N LEU D 170 23.87 -5.90 9.97
CA LEU D 170 23.04 -7.10 10.06
C LEU D 170 22.29 -7.19 11.39
N LEU D 171 22.91 -6.78 12.48
CA LEU D 171 22.22 -6.86 13.77
C LEU D 171 20.95 -6.02 13.74
N LEU D 172 21.05 -4.83 13.15
CA LEU D 172 19.91 -3.93 13.08
C LEU D 172 18.87 -4.44 12.09
N MET D 173 19.31 -4.81 10.89
CA MET D 173 18.36 -5.19 9.85
C MET D 173 17.79 -6.61 9.95
N VAL D 174 18.41 -7.45 10.78
CA VAL D 174 17.91 -8.79 11.01
C VAL D 174 17.46 -8.98 12.47
N ASN D 175 18.39 -8.92 13.41
CA ASN D 175 18.05 -9.27 14.81
C ASN D 175 17.12 -8.26 15.49
N GLU D 176 17.47 -6.97 15.40
CA GLU D 176 16.59 -5.94 16.01
C GLU D 176 15.28 -5.82 15.25
N ALA D 177 15.33 -5.97 13.93
CA ALA D 177 14.09 -5.98 13.14
C ALA D 177 13.16 -7.10 13.59
N THR D 178 13.74 -8.26 13.93
CA THR D 178 12.94 -9.39 14.43
C THR D 178 12.32 -9.02 15.77
N ARG D 179 13.11 -8.41 16.65
CA ARG D 179 12.65 -8.02 17.99
C ARG D 179 11.60 -6.92 17.99
N PHE D 180 11.69 -6.00 17.04
CA PHE D 180 10.85 -4.79 17.07
C PHE D 180 10.12 -4.51 15.78
N GLN D 181 8.81 -4.30 15.87
CA GLN D 181 7.99 -3.96 14.70
C GLN D 181 8.33 -2.57 14.19
N THR D 182 8.81 -1.71 15.09
CA THR D 182 9.23 -0.37 14.69
C THR D 182 10.45 -0.45 13.78
N VAL D 183 11.40 -1.28 14.19
CA VAL D 183 12.63 -1.44 13.41
C VAL D 183 12.38 -2.17 12.10
N SER D 184 11.59 -3.24 12.14
CA SER D 184 11.29 -3.96 10.88
C SER D 184 10.52 -3.09 9.91
N GLY D 185 9.58 -2.28 10.42
CA GLY D 185 8.86 -1.36 9.56
C GLY D 185 9.76 -0.27 9.01
N PHE D 186 10.69 0.20 9.84
CA PHE D 186 11.66 1.20 9.41
C PHE D 186 12.47 0.65 8.23
N VAL D 187 13.04 -0.53 8.44
CA VAL D 187 13.85 -1.15 7.38
C VAL D 187 12.99 -1.42 6.15
N ALA D 188 11.81 -1.98 6.36
CA ALA D 188 10.90 -2.26 5.22
C ALA D 188 10.65 -1.00 4.40
N GLY D 189 10.50 0.13 5.10
CA GLY D 189 10.28 1.40 4.44
C GLY D 189 11.46 1.94 3.63
N LEU D 190 12.63 1.33 3.76
CA LEU D 190 13.81 1.79 3.01
C LEU D 190 14.01 1.00 1.72
N LEU D 191 13.25 -0.09 1.60
CA LEU D 191 13.44 -1.02 0.49
C LEU D 191 12.44 -0.67 -0.59
N HIS D 192 12.93 -0.27 -1.76
CA HIS D 192 12.04 0.16 -2.83
C HIS D 192 12.34 -0.59 -4.12
N PRO D 193 11.41 -0.56 -5.08
CA PRO D 193 11.71 -1.20 -6.38
C PRO D 193 12.74 -0.42 -7.18
N LYS D 194 13.20 -1.01 -8.28
CA LYS D 194 14.30 -0.44 -9.06
C LYS D 194 14.03 0.94 -9.64
N ALA D 195 12.76 1.25 -9.88
CA ALA D 195 12.41 2.54 -10.48
C ALA D 195 12.41 3.69 -9.46
N VAL D 196 12.61 3.38 -8.18
CA VAL D 196 12.66 4.39 -7.13
C VAL D 196 14.11 4.64 -6.75
N ALA D 197 14.42 5.87 -6.38
CA ALA D 197 15.79 6.22 -5.99
C ALA D 197 16.31 5.37 -4.83
N ALA D 198 17.61 5.12 -4.83
CA ALA D 198 18.25 4.45 -3.71
C ALA D 198 18.08 5.32 -2.47
N ALA D 199 17.89 4.66 -1.32
CA ALA D 199 17.60 5.36 -0.08
C ALA D 199 18.40 4.75 1.08
N SER D 200 18.81 5.59 2.03
CA SER D 200 19.42 5.11 3.26
C SER D 200 18.86 5.95 4.40
N GLY D 201 18.95 5.44 5.63
CA GLY D 201 18.43 6.19 6.76
C GLY D 201 18.93 5.62 8.07
N LYS D 202 18.78 6.42 9.12
CA LYS D 202 19.24 6.05 10.45
C LYS D 202 18.06 6.05 11.41
N ILE D 203 18.09 5.13 12.38
CA ILE D 203 16.99 5.06 13.33
C ILE D 203 16.98 6.30 14.23
N GLY D 204 15.80 6.69 14.70
CA GLY D 204 15.67 7.84 15.59
C GLY D 204 15.86 7.50 17.06
N ASN D 205 15.65 8.47 17.94
CA ASN D 205 15.94 8.28 19.36
C ASN D 205 15.03 7.27 20.07
N GLU D 206 13.76 7.20 19.69
CA GLU D 206 12.85 6.25 20.30
C GLU D 206 13.25 4.81 19.96
N MET D 207 13.61 4.58 18.70
CA MET D 207 14.04 3.25 18.28
C MET D 207 15.36 2.87 18.92
N LYS D 208 16.24 3.85 19.11
CA LYS D 208 17.51 3.55 19.80
C LYS D 208 17.21 3.09 21.22
N ALA D 209 16.27 3.76 21.89
CA ALA D 209 15.92 3.39 23.27
C ALA D 209 15.24 2.03 23.37
N GLN D 210 14.40 1.70 22.40
CA GLN D 210 13.77 0.40 22.34
C GLN D 210 14.84 -0.68 22.18
N VAL D 211 15.69 -0.52 21.17
CA VAL D 211 16.77 -1.49 20.94
C VAL D 211 17.65 -1.68 22.18
N ASN D 212 17.92 -0.59 22.89
CA ASN D 212 18.74 -0.66 24.10
C ASN D 212 17.99 -1.11 25.35
N GLY D 213 16.69 -1.35 25.22
CA GLY D 213 15.90 -1.77 26.36
C GLY D 213 14.87 -2.85 26.05
N TRP D 214 15.25 -3.81 25.22
CA TRP D 214 14.33 -4.89 24.81
C TRP D 214 13.80 -5.64 26.01
N GLN D 215 14.69 -5.95 26.95
CA GLN D 215 14.25 -6.67 28.16
C GLN D 215 13.31 -5.80 28.99
N ASP D 216 13.67 -4.53 29.18
CA ASP D 216 12.83 -3.59 29.91
C ASP D 216 11.43 -3.50 29.34
N LEU D 217 11.31 -3.31 28.03
CA LEU D 217 10.01 -3.20 27.37
C LEU D 217 9.24 -4.51 27.42
N SER D 218 9.94 -5.63 27.25
CA SER D 218 9.27 -6.93 27.34
C SER D 218 8.73 -7.13 28.76
N ALA D 219 9.54 -6.79 29.75
CA ALA D 219 9.13 -7.00 31.15
C ALA D 219 7.94 -6.10 31.48
N ALA D 220 7.99 -4.87 30.98
CA ALA D 220 6.93 -3.90 31.24
C ALA D 220 5.59 -4.39 30.72
N LEU D 221 5.60 -5.03 29.56
CA LEU D 221 4.35 -5.54 29.00
C LEU D 221 3.91 -6.81 29.72
N LEU D 222 4.87 -7.67 30.04
CA LEU D 222 4.56 -8.93 30.73
C LEU D 222 3.92 -8.69 32.10
N LYS D 223 4.36 -7.66 32.81
CA LYS D 223 3.78 -7.32 34.10
C LYS D 223 2.28 -7.03 34.01
N THR D 224 1.80 -6.59 32.85
CA THR D 224 0.39 -6.28 32.66
C THR D 224 -0.51 -7.51 32.51
N ASP D 225 0.11 -8.66 32.23
CA ASP D 225 -0.65 -9.90 32.08
C ASP D 225 -0.85 -10.60 33.43
N VAL D 226 -0.08 -10.18 34.44
CA VAL D 226 -0.14 -10.79 35.76
C VAL D 226 -1.54 -10.66 36.37
N LYS D 227 -2.14 -11.80 36.69
CA LYS D 227 -3.44 -11.87 37.33
C LYS D 227 -3.29 -11.36 38.76
N PRO D 228 -4.08 -10.35 39.15
CA PRO D 228 -3.84 -9.75 40.47
C PRO D 228 -4.41 -10.61 41.62
N PRO D 229 -3.79 -10.51 42.81
CA PRO D 229 -4.33 -11.12 44.03
C PRO D 229 -5.80 -10.74 44.21
N PRO D 230 -6.60 -11.61 44.86
CA PRO D 230 -8.03 -11.30 45.02
C PRO D 230 -8.25 -9.93 45.65
N GLY D 231 -9.23 -9.20 45.17
CA GLY D 231 -9.51 -7.86 45.68
C GLY D 231 -8.65 -6.76 45.09
N LYS D 232 -7.59 -7.13 44.38
CA LYS D 232 -6.67 -6.13 43.84
C LYS D 232 -6.89 -5.81 42.37
N SER D 233 -6.50 -4.60 41.97
CA SER D 233 -6.72 -4.11 40.61
C SER D 233 -5.62 -4.61 39.68
N PRO D 234 -5.97 -4.87 38.41
CA PRO D 234 -5.00 -5.27 37.39
C PRO D 234 -3.86 -4.26 37.28
N ALA D 235 -2.63 -4.76 37.15
CA ALA D 235 -1.48 -3.88 37.03
C ALA D 235 -1.62 -3.06 35.75
N LYS D 236 -1.15 -1.82 35.76
CA LYS D 236 -1.21 -0.96 34.58
C LYS D 236 0.17 -0.78 34.00
N PHE D 237 0.24 -0.62 32.67
CA PHE D 237 1.52 -0.41 32.01
C PHE D 237 2.20 0.85 32.53
N ALA D 238 3.45 0.72 32.95
CA ALA D 238 4.26 1.89 33.31
C ALA D 238 5.00 2.39 32.08
N PRO D 239 4.71 3.62 31.62
CA PRO D 239 5.31 4.16 30.39
C PRO D 239 6.83 4.16 30.40
N ILE D 240 7.41 4.02 29.21
CA ILE D 240 8.84 4.21 29.04
C ILE D 240 8.94 5.33 28.00
N GLU D 241 9.04 6.56 28.49
CA GLU D 241 8.90 7.75 27.65
C GLU D 241 9.97 7.84 26.57
N LYS D 242 11.19 7.45 26.93
CA LYS D 242 12.32 7.55 26.01
C LYS D 242 12.11 6.66 24.78
N MET D 243 11.33 5.58 24.96
CA MET D 243 10.95 4.71 23.85
C MET D 243 9.70 5.20 23.13
N GLY D 244 9.09 6.26 23.66
CA GLY D 244 7.83 6.74 23.10
C GLY D 244 6.68 5.79 23.35
N VAL D 245 6.84 4.92 24.33
CA VAL D 245 5.83 3.89 24.63
C VAL D 245 5.15 4.21 25.95
N ARG D 246 3.88 4.62 25.89
CA ARG D 246 3.17 5.03 27.10
C ARG D 246 2.07 4.07 27.53
N THR D 247 1.56 3.28 26.59
CA THR D 247 0.48 2.34 26.88
C THR D 247 0.85 0.90 26.52
N ALA D 248 0.11 -0.05 27.07
CA ALA D 248 0.32 -1.47 26.74
C ALA D 248 0.09 -1.72 25.24
N VAL D 249 -0.89 -1.04 24.65
CA VAL D 249 -1.18 -1.23 23.22
C VAL D 249 0.00 -0.74 22.37
N GLN D 250 0.58 0.40 22.74
CA GLN D 250 1.78 0.92 22.07
C GLN D 250 2.97 -0.02 22.24
N ALA D 251 3.10 -0.62 23.42
CA ALA D 251 4.14 -1.62 23.66
C ALA D 251 3.95 -2.83 22.76
N ALA D 252 2.70 -3.28 22.63
CA ALA D 252 2.42 -4.48 21.83
C ALA D 252 2.68 -4.18 20.36
N ASN D 253 2.38 -2.96 19.94
CA ASN D 253 2.60 -2.55 18.55
C ASN D 253 4.07 -2.32 18.24
N THR D 254 4.86 -2.14 19.27
CA THR D 254 6.30 -1.92 19.13
C THR D 254 7.09 -3.24 19.12
N LEU D 255 6.66 -4.19 19.95
CA LEU D 255 7.38 -5.45 20.12
C LEU D 255 7.05 -6.44 19.01
N GLY D 256 8.08 -6.87 18.28
CA GLY D 256 7.93 -7.93 17.30
C GLY D 256 7.79 -9.27 18.02
N ILE D 257 8.71 -9.51 18.95
CA ILE D 257 8.64 -10.70 19.80
C ILE D 257 9.26 -10.36 21.14
N LEU D 258 8.64 -10.81 22.23
CA LEU D 258 9.14 -10.47 23.57
C LEU D 258 10.26 -11.40 24.02
N LEU D 259 11.25 -10.85 24.73
CA LEU D 259 12.21 -11.67 25.44
C LEU D 259 11.50 -12.25 26.65
N PHE D 260 11.77 -13.51 26.99
CA PHE D 260 11.15 -14.01 28.21
C PHE D 260 11.79 -13.32 29.41
N VAL D 261 10.96 -12.73 30.26
CA VAL D 261 11.44 -12.20 31.53
C VAL D 261 10.57 -12.72 32.66
N GLU D 262 11.21 -13.12 33.75
CA GLU D 262 10.47 -13.46 34.96
C GLU D 262 10.04 -12.19 35.68
N VAL D 263 8.73 -11.96 35.75
CA VAL D 263 8.20 -10.84 36.50
C VAL D 263 7.48 -11.40 37.73
N PRO D 264 7.43 -10.64 38.84
CA PRO D 264 6.75 -11.14 40.03
C PRO D 264 5.29 -11.53 39.75
N GLY D 265 4.91 -12.75 40.10
CA GLY D 265 3.56 -13.22 39.87
C GLY D 265 3.31 -13.74 38.45
N GLY D 266 4.34 -13.66 37.62
CA GLY D 266 4.23 -14.16 36.25
C GLY D 266 4.78 -15.57 36.14
N LEU D 267 4.87 -16.08 34.92
CA LEU D 267 5.46 -17.39 34.67
C LEU D 267 6.91 -17.42 35.13
N THR D 268 7.34 -18.55 35.69
CA THR D 268 8.76 -18.76 35.98
C THR D 268 9.44 -19.31 34.74
N VAL D 269 10.76 -19.28 34.73
CA VAL D 269 11.54 -19.99 33.71
C VAL D 269 11.05 -21.43 33.55
N ALA D 270 10.93 -22.15 34.67
CA ALA D 270 10.57 -23.56 34.60
C ALA D 270 9.19 -23.77 34.01
N LYS D 271 8.24 -22.99 34.50
CA LYS D 271 6.84 -23.16 34.10
C LYS D 271 6.64 -22.80 32.62
N ALA D 272 7.29 -21.74 32.17
CA ALA D 272 7.13 -21.35 30.76
C ALA D 272 7.71 -22.42 29.84
N LEU D 273 8.81 -23.05 30.26
CA LEU D 273 9.40 -24.13 29.46
C LEU D 273 8.53 -25.37 29.52
N GLU D 274 7.88 -25.62 30.65
CA GLU D 274 6.94 -26.74 30.72
C GLU D 274 5.80 -26.55 29.71
N LEU D 275 5.21 -25.36 29.69
CA LEU D 275 4.12 -25.04 28.76
C LEU D 275 4.60 -25.11 27.31
N PHE D 276 5.83 -24.65 27.09
CA PHE D 276 6.47 -24.67 25.78
C PHE D 276 6.53 -26.09 25.22
N HIS D 277 7.00 -27.04 26.04
CA HIS D 277 7.12 -28.42 25.58
C HIS D 277 5.78 -29.09 25.37
N ALA D 278 4.84 -28.82 26.28
CA ALA D 278 3.51 -29.43 26.20
C ALA D 278 2.78 -28.95 24.95
N SER D 279 3.10 -27.76 24.48
CA SER D 279 2.41 -27.19 23.32
C SER D 279 3.15 -27.44 22.01
N GLY D 280 4.11 -28.37 22.02
CA GLY D 280 4.79 -28.79 20.81
C GLY D 280 6.09 -28.06 20.55
N GLY D 281 6.47 -27.17 21.45
CA GLY D 281 7.68 -26.40 21.23
C GLY D 281 8.96 -27.21 21.29
N LYS D 282 9.89 -26.90 20.39
CA LYS D 282 11.21 -27.53 20.38
C LYS D 282 12.31 -26.48 20.31
N9 ADE E . -19.87 -22.30 2.19
C8 ADE E . -21.12 -22.63 1.78
N7 ADE E . -22.03 -22.51 2.70
C5 ADE E . -21.35 -22.04 3.81
C6 ADE E . -21.75 -21.72 5.13
N6 ADE E . -23.02 -21.80 5.57
N1 ADE E . -20.79 -21.30 5.97
C2 ADE E . -19.53 -21.21 5.55
N3 ADE E . -19.03 -21.50 4.34
C4 ADE E . -20.01 -21.92 3.51
N9 ADE F . -16.19 1.54 -26.15
C8 ADE F . -16.77 0.65 -27.01
N7 ADE F . -16.04 0.40 -28.06
C5 ADE F . -14.89 1.17 -27.90
C6 ADE F . -13.73 1.35 -28.67
N6 ADE F . -13.50 0.71 -29.84
N1 ADE F . -12.80 2.21 -28.20
C2 ADE F . -13.01 2.84 -27.04
N3 ADE F . -14.07 2.75 -26.22
C4 ADE F . -14.99 1.90 -26.73
N9 ADE G . 15.14 25.93 2.00
C8 ADE G . 15.89 26.66 2.86
N7 ADE G . 15.26 27.70 3.35
C5 ADE G . 14.00 27.66 2.75
C6 ADE G . 12.86 28.48 2.87
N6 ADE G . 12.80 29.57 3.64
N1 ADE G . 11.77 28.13 2.12
C2 ADE G . 11.84 27.04 1.35
N3 ADE G . 12.85 26.19 1.17
C4 ADE G . 13.91 26.56 1.91
N9 ADE H . 22.85 -8.02 22.13
C8 ADE H . 24.09 -8.25 22.65
N7 ADE H . 24.84 -9.06 21.93
C5 ADE H . 24.02 -9.37 20.84
C6 ADE H . 24.23 -10.17 19.70
N6 ADE H . 25.36 -10.85 19.46
N1 ADE H . 23.20 -10.28 18.82
C2 ADE H . 22.06 -9.62 19.06
N3 ADE H . 21.76 -8.82 20.07
C4 ADE H . 22.78 -8.75 20.95
#